data_5HE0
#
_entry.id   5HE0
#
_cell.length_a   60.554
_cell.length_b   239.927
_cell.length_c   208.872
_cell.angle_alpha   90.000
_cell.angle_beta   90.000
_cell.angle_gamma   90.000
#
_symmetry.space_group_name_H-M   'C 2 2 21'
#
loop_
_entity.id
_entity.type
_entity.pdbx_description
1 polymer 'Beta-adrenergic receptor kinase 1'
2 polymer 'Guanine nucleotide-binding protein G(I)/G(S)/G(T) subunit beta-1'
3 polymer 'Guanine nucleotide-binding protein G(I)/G(S)/G(O) subunit gamma-2'
4 non-polymer (4S)-4-{4-fluoro-3-[(pyridin-2-ylmethyl)carbamoyl]phenyl}-N-(1H-indazol-5-yl)-6-methyl-2-oxo-1,2,3,4-tetrahydropyrimidine-5-carboxamide
5 water water
#
loop_
_entity_poly.entity_id
_entity_poly.type
_entity_poly.pdbx_seq_one_letter_code
_entity_poly.pdbx_strand_id
1 'polypeptide(L)'
;KKILLPEPSIRSVMQKYLEDRGEVTFEKIFSQKLGYLLFRDFCLKHLEEAKPLVEFYEEIKKYEKLETEEERLVCSREIF
DTYIMKELLACSHPFSKSAIEHVQGHLVKKQVPPDLFQPYIEEICQNLRGDVFQKFIESDKFTRFCQWKNVELNIHLTMN
DFSVHRIIGRGGFGEVYGCRKADTGKMYAMKCLDKKRIKMKQGETLALNERIMLSLVSTGDCPFIVCMSYAFHTPDKLSF
ILDLMNGGDLHYHLSQHGVFSEADMRFYAAEIILGLEHMHNRFVVYRDLKPANILLDEHGHVRISDLGLACDFSKKKPHA
SVGTHGYMAPEVLQKGVAYDSSADWFSLGCMLFKLLRGHSPFRQHKTKDKHEIDRMTLTMAVELPDSFSPELRSLLEGLL
QRDVNRRLGCLGRGAQEVKESPFFRSLDWQMVFLQKYPPPLIPPRGEVNAADAFDIGSFDEEDTKGIKLLDSDQELYRNF
PLTISERWQQEVAETVFDTINAETDRLEARKKTKNKQLGHEEDYALGKDCIMHGYMSKMGNPFLTQWQRRYFYLFPNRLE
WRGEGEAPQSLLTMEEIQSVEETQIKERKCLLLKIRGGKQFVLQCDSDPELVQWKKELRDAYREAQQLVQRVPKMKNKPR
A
;
A
2 'polypeptide(L)'
;SELDQLRQEAEQLKNQIRDARKACADATLSQITNNIDPVGRIQMRTRRTLRGHLAKIYAMHWGTDSRLLVSASQDGKLII
WDSYTTNKVHAIPLRSSWVMTCAYAPSGNYVACGGLDNICSIYNLKTREGNVRVSRELAGHTGYLSCCRFLDDNQIVTSS
GDTTCALWDIETGQQTTTFTGHTGDVMSLSLAPDTRLFVSGACDASAKLWDVREGMCRQTFTGHESDINAICFFPNGNAF
ATGSDDATCRLFDLRADQELMTYSHDNIICGITSVSFSKSGRLLLAGYDDFNCNVWDALKADRAGVLAGHDNRVSCLGVT
DDGMAVATGSWDSFLKIWN
;
B
3 'polypeptide(L)' MASNNTASIAQARKLVEQLKMEANIDRIKVSKAAADLMAYCEAHAKEDPLLTPVPASENPFREKKFFCAIL G
#
# COMPACT_ATOMS: atom_id res chain seq x y z
N LYS A 1 -9.32 24.22 14.05
CA LYS A 1 -10.53 25.03 13.65
C LYS A 1 -10.54 25.43 12.16
N LYS A 2 -9.75 24.71 11.35
CA LYS A 2 -9.55 24.98 9.92
C LYS A 2 -8.63 23.87 9.35
N ILE A 3 -8.61 23.64 8.05
CA ILE A 3 -7.98 22.44 7.47
C ILE A 3 -6.44 22.40 7.64
N LEU A 4 -5.93 21.24 8.05
CA LEU A 4 -4.49 21.03 8.14
C LEU A 4 -4.11 19.85 7.29
N LEU A 5 -3.26 20.08 6.32
CA LEU A 5 -2.79 19.00 5.48
C LEU A 5 -1.77 18.09 6.18
N PRO A 6 -1.93 16.77 6.03
CA PRO A 6 -0.94 15.86 6.55
C PRO A 6 0.41 16.10 5.86
N GLU A 7 1.49 15.63 6.49
CA GLU A 7 2.83 15.87 5.94
C GLU A 7 2.98 15.08 4.62
N PRO A 8 4.01 15.42 3.82
CA PRO A 8 4.18 14.76 2.52
C PRO A 8 4.47 13.26 2.59
N SER A 9 4.93 12.79 3.75
CA SER A 9 5.16 11.34 3.95
C SER A 9 3.90 10.56 3.61
N ILE A 10 2.75 11.22 3.80
CA ILE A 10 1.41 10.61 3.66
C ILE A 10 1.23 9.98 2.30
N ARG A 11 2.00 10.49 1.34
CA ARG A 11 2.22 9.90 0.02
C ARG A 11 2.49 8.38 0.04
N SER A 12 3.36 7.91 0.92
CA SER A 12 3.65 6.46 0.89
C SER A 12 2.38 5.63 0.99
N VAL A 13 1.53 5.97 1.93
CA VAL A 13 0.24 5.31 2.05
C VAL A 13 -0.78 5.70 0.97
N MET A 14 -0.91 6.97 0.62
CA MET A 14 -2.08 7.35 -0.17
C MET A 14 -1.91 6.84 -1.58
N GLN A 15 -0.74 7.07 -2.12
CA GLN A 15 -0.43 6.51 -3.43
C GLN A 15 -0.79 5.02 -3.52
N LYS A 16 -0.59 4.26 -2.43
CA LYS A 16 -0.90 2.84 -2.46
C LYS A 16 -2.37 2.63 -2.29
N TYR A 17 -3.00 3.47 -1.51
CA TYR A 17 -4.44 3.32 -1.25
C TYR A 17 -5.21 3.57 -2.52
N LEU A 18 -4.83 4.64 -3.19
CA LEU A 18 -5.37 5.01 -4.47
C LEU A 18 -5.10 4.02 -5.59
N GLU A 19 -3.83 3.67 -5.77
CA GLU A 19 -3.46 2.59 -6.68
C GLU A 19 -4.34 1.37 -6.51
N ASP A 20 -4.58 0.89 -5.29
CA ASP A 20 -5.40 -0.31 -5.17
C ASP A 20 -6.79 -0.06 -5.70
N ARG A 21 -7.21 1.19 -5.70
CA ARG A 21 -8.54 1.55 -6.18
C ARG A 21 -8.63 1.96 -7.65
N GLY A 22 -7.46 2.07 -8.29
CA GLY A 22 -7.36 2.39 -9.71
C GLY A 22 -7.49 3.87 -9.97
N GLU A 23 -7.38 4.69 -8.93
CA GLU A 23 -7.63 6.13 -9.01
C GLU A 23 -6.47 6.93 -9.57
N VAL A 24 -5.31 6.33 -9.74
CA VAL A 24 -4.18 7.09 -10.24
C VAL A 24 -4.14 7.03 -11.78
N THR A 25 -5.10 7.64 -12.44
CA THR A 25 -5.11 7.71 -13.88
C THR A 25 -5.37 9.14 -14.18
N PHE A 26 -4.86 9.61 -15.30
CA PHE A 26 -5.08 10.97 -15.69
C PHE A 26 -6.60 11.25 -15.73
N GLU A 27 -7.35 10.29 -16.26
CA GLU A 27 -8.78 10.36 -16.37
C GLU A 27 -9.35 10.72 -14.99
N LYS A 28 -9.06 9.90 -13.97
CA LYS A 28 -9.66 10.06 -12.62
C LYS A 28 -9.14 11.25 -11.83
N ILE A 29 -7.89 11.65 -12.06
CA ILE A 29 -7.34 12.82 -11.39
C ILE A 29 -7.63 14.16 -12.08
N PHE A 30 -7.47 14.22 -13.38
CA PHE A 30 -7.77 15.44 -14.14
C PHE A 30 -9.21 15.92 -13.94
N SER A 31 -10.14 14.98 -13.80
CA SER A 31 -11.54 15.34 -13.73
C SER A 31 -11.97 15.76 -12.32
N GLN A 32 -11.03 15.87 -11.40
CA GLN A 32 -11.28 16.36 -10.04
C GLN A 32 -10.77 17.75 -9.97
N LYS A 33 -11.57 18.65 -9.40
CA LYS A 33 -11.20 20.04 -9.36
C LYS A 33 -9.78 20.20 -8.79
N LEU A 34 -9.50 19.61 -7.62
CA LEU A 34 -8.18 19.80 -6.99
C LEU A 34 -7.08 19.12 -7.76
N GLY A 35 -7.43 17.99 -8.37
CA GLY A 35 -6.49 17.27 -9.21
C GLY A 35 -6.11 18.11 -10.42
N TYR A 36 -7.11 18.61 -11.13
CA TYR A 36 -6.86 19.50 -12.25
C TYR A 36 -6.02 20.66 -11.76
N LEU A 37 -6.47 21.35 -10.73
CA LEU A 37 -5.68 22.47 -10.25
C LEU A 37 -4.22 22.09 -10.10
N LEU A 38 -3.96 20.93 -9.49
CA LEU A 38 -2.59 20.60 -9.17
C LEU A 38 -1.81 20.21 -10.42
N PHE A 39 -2.44 19.45 -11.30
CA PHE A 39 -1.80 19.02 -12.51
C PHE A 39 -1.41 20.19 -13.43
N ARG A 40 -2.26 21.20 -13.47
CA ARG A 40 -1.97 22.35 -14.26
C ARG A 40 -0.87 23.17 -13.61
N ASP A 41 -0.91 23.37 -12.30
CA ASP A 41 0.18 24.10 -11.67
C ASP A 41 1.50 23.45 -12.00
N PHE A 42 1.50 22.13 -12.14
CA PHE A 42 2.68 21.35 -12.47
C PHE A 42 3.13 21.55 -13.90
N CYS A 43 2.20 21.40 -14.82
CA CYS A 43 2.52 21.57 -16.22
C CYS A 43 3.05 22.97 -16.46
N LEU A 44 2.30 23.97 -16.04
CA LEU A 44 2.62 25.32 -16.47
C LEU A 44 4.00 25.76 -16.02
N LYS A 45 4.35 25.40 -14.80
CA LYS A 45 5.45 26.06 -14.14
C LYS A 45 6.65 25.15 -13.92
N HIS A 46 6.43 23.84 -13.80
CA HIS A 46 7.51 22.90 -13.47
C HIS A 46 7.78 21.94 -14.61
N LEU A 47 7.48 22.37 -15.84
CA LEU A 47 7.68 21.51 -17.00
C LEU A 47 7.35 22.27 -18.30
N GLU A 48 8.31 23.02 -18.82
CA GLU A 48 8.14 23.87 -20.04
C GLU A 48 7.83 23.08 -21.34
N GLU A 49 7.70 21.77 -21.23
CA GLU A 49 7.23 20.93 -22.34
C GLU A 49 5.67 20.85 -22.40
N ALA A 50 5.01 20.81 -21.25
CA ALA A 50 3.53 20.70 -21.17
C ALA A 50 2.81 22.03 -20.87
N LYS A 51 3.55 23.08 -20.56
CA LYS A 51 2.99 24.40 -20.35
C LYS A 51 2.05 24.78 -21.50
N PRO A 52 2.56 24.70 -22.75
CA PRO A 52 1.78 25.10 -23.92
C PRO A 52 0.48 24.34 -24.05
N LEU A 53 0.50 23.06 -23.72
CA LEU A 53 -0.72 22.24 -23.76
C LEU A 53 -1.80 22.76 -22.83
N VAL A 54 -1.49 22.80 -21.56
CA VAL A 54 -2.46 23.20 -20.59
C VAL A 54 -2.87 24.63 -20.87
N GLU A 55 -1.89 25.48 -21.16
CA GLU A 55 -2.19 26.85 -21.59
C GLU A 55 -3.21 26.87 -22.73
N PHE A 56 -3.04 25.94 -23.66
CA PHE A 56 -3.95 25.74 -24.80
C PHE A 56 -5.31 25.14 -24.38
N TYR A 57 -5.28 24.13 -23.52
CA TYR A 57 -6.50 23.65 -22.88
C TYR A 57 -7.32 24.84 -22.29
N GLU A 58 -6.65 25.70 -21.53
CA GLU A 58 -7.34 26.73 -20.79
C GLU A 58 -7.91 27.81 -21.71
N GLU A 59 -7.20 28.12 -22.79
CA GLU A 59 -7.73 29.09 -23.72
C GLU A 59 -8.99 28.56 -24.36
N ILE A 60 -9.00 27.28 -24.69
CA ILE A 60 -10.22 26.68 -25.23
C ILE A 60 -11.34 26.66 -24.21
N LYS A 61 -11.03 26.27 -22.98
CA LYS A 61 -12.09 26.22 -21.98
C LYS A 61 -12.68 27.62 -21.81
N LYS A 62 -11.85 28.66 -21.78
CA LYS A 62 -12.35 30.05 -21.80
C LYS A 62 -13.23 30.38 -23.02
N TYR A 63 -12.83 29.89 -24.18
CA TYR A 63 -13.57 30.07 -25.42
C TYR A 63 -14.98 29.49 -25.30
N GLU A 64 -15.07 28.26 -24.81
CA GLU A 64 -16.36 27.61 -24.62
C GLU A 64 -17.34 28.51 -23.86
N LYS A 65 -16.83 29.25 -22.87
CA LYS A 65 -17.66 30.09 -21.95
C LYS A 65 -18.09 31.45 -22.53
N LEU A 66 -17.41 31.92 -23.58
CA LEU A 66 -17.76 33.19 -24.26
C LEU A 66 -19.23 33.20 -24.71
N GLU A 67 -19.94 34.26 -24.32
CA GLU A 67 -21.40 34.34 -24.49
C GLU A 67 -21.82 34.70 -25.93
N THR A 68 -21.00 35.41 -26.70
CA THR A 68 -21.46 35.91 -27.99
C THR A 68 -20.60 35.55 -29.20
N GLU A 69 -21.22 35.60 -30.37
CA GLU A 69 -20.58 35.20 -31.61
C GLU A 69 -19.49 36.21 -31.98
N GLU A 70 -19.80 37.48 -31.78
CA GLU A 70 -18.81 38.53 -31.92
C GLU A 70 -17.52 38.16 -31.22
N GLU A 71 -17.64 37.67 -29.99
CA GLU A 71 -16.47 37.33 -29.17
C GLU A 71 -15.77 36.03 -29.59
N ARG A 72 -16.52 35.07 -30.14
CA ARG A 72 -15.93 33.76 -30.49
C ARG A 72 -15.12 33.84 -31.78
N LEU A 73 -15.53 34.73 -32.69
CA LEU A 73 -14.73 35.08 -33.87
C LEU A 73 -13.34 35.57 -33.48
N VAL A 74 -13.30 36.49 -32.54
CA VAL A 74 -12.06 37.11 -32.10
C VAL A 74 -11.12 36.12 -31.40
N CYS A 75 -11.70 35.26 -30.54
CA CYS A 75 -10.88 34.40 -29.71
C CYS A 75 -10.37 33.20 -30.49
N SER A 76 -11.19 32.67 -31.39
CA SER A 76 -10.74 31.61 -32.28
C SER A 76 -9.55 32.06 -33.14
N ARG A 77 -9.60 33.27 -33.68
CA ARG A 77 -8.43 33.81 -34.40
C ARG A 77 -7.21 33.63 -33.55
N GLU A 78 -7.27 34.20 -32.34
CA GLU A 78 -6.10 34.22 -31.45
C GLU A 78 -5.59 32.83 -31.16
N ILE A 79 -6.50 31.96 -30.69
CA ILE A 79 -6.15 30.59 -30.32
C ILE A 79 -5.52 29.86 -31.50
N PHE A 80 -6.01 30.14 -32.71
CA PHE A 80 -5.50 29.50 -33.91
C PHE A 80 -4.10 30.00 -34.21
N ASP A 81 -3.97 31.32 -34.26
CA ASP A 81 -2.68 31.99 -34.45
C ASP A 81 -1.60 31.64 -33.41
N THR A 82 -1.99 31.25 -32.20
CA THR A 82 -1.03 31.11 -31.12
C THR A 82 -0.71 29.67 -30.76
N TYR A 83 -1.71 28.80 -30.80
CA TYR A 83 -1.50 27.42 -30.40
C TYR A 83 -1.54 26.44 -31.58
N ILE A 84 -1.79 26.93 -32.78
CA ILE A 84 -1.86 26.05 -33.93
C ILE A 84 -0.92 26.51 -35.02
N MET A 85 -1.18 27.71 -35.56
CA MET A 85 -0.39 28.27 -36.64
C MET A 85 1.07 28.28 -36.21
N LYS A 86 1.41 29.05 -35.17
CA LYS A 86 2.81 29.12 -34.73
C LYS A 86 3.42 27.74 -34.47
N GLU A 87 2.68 26.86 -33.81
CA GLU A 87 3.18 25.52 -33.53
C GLU A 87 3.45 24.72 -34.83
N LEU A 88 2.65 24.97 -35.87
CA LEU A 88 2.93 24.40 -37.20
C LEU A 88 4.17 24.98 -37.87
N LEU A 89 4.32 26.30 -37.80
CA LEU A 89 5.50 27.00 -38.36
C LEU A 89 6.84 26.57 -37.74
N ALA A 90 6.77 25.81 -36.64
CA ALA A 90 7.96 25.27 -35.99
C ALA A 90 7.90 23.75 -35.87
N CYS A 91 7.14 23.11 -36.75
CA CYS A 91 7.10 21.64 -36.84
C CYS A 91 6.99 20.95 -35.47
N SER A 92 6.21 21.56 -34.60
CA SER A 92 6.11 21.15 -33.21
C SER A 92 4.67 21.37 -32.75
N HIS A 93 3.80 20.47 -33.20
CA HIS A 93 2.36 20.57 -33.01
C HIS A 93 1.79 19.16 -33.05
N PRO A 94 1.85 18.44 -31.93
CA PRO A 94 1.56 17.00 -31.92
C PRO A 94 0.05 16.68 -31.98
N PHE A 95 -0.59 16.98 -33.10
CA PHE A 95 -2.03 16.77 -33.24
C PHE A 95 -2.40 16.22 -34.63
N SER A 96 -3.58 15.64 -34.74
CA SER A 96 -4.05 15.06 -36.00
C SER A 96 -4.14 16.09 -37.10
N LYS A 97 -4.14 15.59 -38.33
CA LYS A 97 -4.49 16.41 -39.47
C LYS A 97 -5.95 16.79 -39.29
N SER A 98 -6.75 15.80 -38.89
CA SER A 98 -8.18 15.99 -38.67
C SER A 98 -8.45 17.15 -37.72
N ALA A 99 -7.62 17.26 -36.69
CA ALA A 99 -7.78 18.29 -35.68
C ALA A 99 -7.55 19.68 -36.26
N ILE A 100 -6.42 19.80 -36.93
CA ILE A 100 -5.99 21.05 -37.58
C ILE A 100 -7.01 21.46 -38.63
N GLU A 101 -7.25 20.56 -39.60
CA GLU A 101 -8.25 20.79 -40.66
C GLU A 101 -9.64 21.12 -40.08
N HIS A 102 -10.08 20.40 -39.05
CA HIS A 102 -11.40 20.68 -38.50
C HIS A 102 -11.46 22.13 -38.11
N VAL A 103 -10.44 22.62 -37.39
CA VAL A 103 -10.46 24.01 -36.95
C VAL A 103 -10.27 24.93 -38.16
N GLN A 104 -9.14 24.76 -38.86
CA GLN A 104 -8.81 25.53 -40.06
C GLN A 104 -10.06 25.83 -40.92
N GLY A 105 -10.66 24.78 -41.49
CA GLY A 105 -11.82 24.92 -42.34
C GLY A 105 -12.88 25.81 -41.74
N HIS A 106 -13.20 25.54 -40.48
CA HIS A 106 -14.25 26.25 -39.77
C HIS A 106 -13.99 27.74 -39.71
N LEU A 107 -12.73 28.11 -39.55
CA LEU A 107 -12.36 29.51 -39.36
C LEU A 107 -12.57 30.39 -40.60
N VAL A 108 -12.33 29.81 -41.76
CA VAL A 108 -12.43 30.59 -42.98
C VAL A 108 -13.88 30.73 -43.47
N LYS A 109 -14.73 29.78 -43.09
CA LYS A 109 -16.16 29.95 -43.22
C LYS A 109 -16.69 30.77 -42.05
N LYS A 110 -15.81 31.59 -41.44
CA LYS A 110 -15.98 32.10 -40.08
C LYS A 110 -17.11 31.42 -39.29
N GLN A 111 -16.90 30.14 -39.00
CA GLN A 111 -17.90 29.25 -38.38
C GLN A 111 -17.45 28.91 -36.94
N VAL A 112 -17.97 29.66 -35.97
CA VAL A 112 -17.43 29.66 -34.61
C VAL A 112 -18.41 29.24 -33.50
N PRO A 113 -18.79 27.95 -33.47
CA PRO A 113 -19.66 27.53 -32.39
C PRO A 113 -18.83 27.21 -31.13
N PRO A 114 -19.45 27.29 -29.92
CA PRO A 114 -18.78 27.01 -28.63
C PRO A 114 -18.01 25.69 -28.56
N ASP A 115 -18.41 24.67 -29.31
CA ASP A 115 -17.63 23.42 -29.37
C ASP A 115 -16.50 23.41 -30.42
N LEU A 116 -16.21 24.57 -31.04
CA LEU A 116 -15.16 24.65 -32.07
C LEU A 116 -13.92 23.78 -31.89
N PHE A 117 -13.29 23.83 -30.71
CA PHE A 117 -11.98 23.19 -30.52
C PHE A 117 -12.07 21.86 -29.81
N GLN A 118 -13.28 21.31 -29.67
CA GLN A 118 -13.43 20.06 -28.90
C GLN A 118 -12.46 18.99 -29.39
N PRO A 119 -12.30 18.86 -30.73
CA PRO A 119 -11.31 17.91 -31.27
C PRO A 119 -9.92 17.99 -30.63
N TYR A 120 -9.44 19.20 -30.36
CA TYR A 120 -8.14 19.36 -29.70
C TYR A 120 -8.21 18.86 -28.26
N ILE A 121 -9.24 19.26 -27.54
CA ILE A 121 -9.44 18.87 -26.14
C ILE A 121 -9.12 17.40 -25.95
N GLU A 122 -9.69 16.55 -26.81
CA GLU A 122 -9.52 15.11 -26.63
C GLU A 122 -8.08 14.73 -26.87
N GLU A 123 -7.41 15.46 -27.75
CA GLU A 123 -6.03 15.15 -28.12
C GLU A 123 -5.04 15.81 -27.19
N ILE A 124 -5.43 16.92 -26.59
CA ILE A 124 -4.58 17.53 -25.59
C ILE A 124 -4.50 16.55 -24.42
N CYS A 125 -5.66 15.96 -24.09
CA CYS A 125 -5.75 14.93 -23.07
C CYS A 125 -4.87 13.74 -23.45
N GLN A 126 -4.92 13.29 -24.71
CA GLN A 126 -4.02 12.21 -25.21
C GLN A 126 -2.55 12.42 -24.85
N ASN A 127 -2.12 13.68 -25.01
CA ASN A 127 -0.71 14.10 -24.90
C ASN A 127 -0.26 14.34 -23.47
N LEU A 128 -1.19 14.72 -22.61
CA LEU A 128 -0.93 14.85 -21.18
C LEU A 128 -1.00 13.47 -20.50
N ARG A 129 -1.87 12.59 -21.02
CA ARG A 129 -2.16 11.24 -20.48
C ARG A 129 -0.93 10.42 -20.20
N GLY A 130 0.00 10.40 -21.17
CA GLY A 130 1.18 9.52 -21.13
C GLY A 130 2.29 9.94 -20.16
N ASP A 131 3.47 10.25 -20.70
CA ASP A 131 4.67 10.53 -19.89
C ASP A 131 4.52 11.76 -19.02
N VAL A 132 3.72 12.72 -19.47
CA VAL A 132 3.48 13.90 -18.66
C VAL A 132 2.78 13.55 -17.33
N PHE A 133 1.69 12.77 -17.41
CA PHE A 133 0.96 12.35 -16.23
C PHE A 133 1.97 11.72 -15.32
N GLN A 134 2.71 10.79 -15.91
CA GLN A 134 3.70 9.95 -15.24
C GLN A 134 4.73 10.73 -14.46
N LYS A 135 5.15 11.85 -15.01
CA LYS A 135 6.10 12.72 -14.33
C LYS A 135 5.36 13.45 -13.23
N PHE A 136 4.20 14.02 -13.56
CA PHE A 136 3.37 14.70 -12.56
C PHE A 136 3.29 13.84 -11.29
N ILE A 137 3.05 12.55 -11.49
CA ILE A 137 3.01 11.63 -10.37
C ILE A 137 4.29 11.62 -9.59
N GLU A 138 5.42 11.65 -10.27
CA GLU A 138 6.70 11.66 -9.56
C GLU A 138 6.90 12.98 -8.80
N SER A 139 6.17 14.03 -9.17
CA SER A 139 6.39 15.37 -8.62
C SER A 139 5.74 15.61 -7.28
N ASP A 140 6.10 16.73 -6.67
CA ASP A 140 5.54 17.10 -5.38
C ASP A 140 4.16 17.72 -5.50
N LYS A 141 3.70 17.97 -6.72
CA LYS A 141 2.33 18.41 -6.93
C LYS A 141 1.40 17.22 -6.81
N PHE A 142 1.85 16.04 -7.22
CA PHE A 142 1.06 14.84 -6.94
C PHE A 142 1.14 14.47 -5.46
N THR A 143 2.28 14.75 -4.83
CA THR A 143 2.34 14.58 -3.38
C THR A 143 1.26 15.48 -2.76
N ARG A 144 1.12 16.66 -3.32
CA ARG A 144 0.16 17.57 -2.76
C ARG A 144 -1.23 17.04 -2.95
N PHE A 145 -1.44 16.36 -4.07
CA PHE A 145 -2.74 15.76 -4.30
C PHE A 145 -3.00 14.78 -3.19
N CYS A 146 -2.01 13.95 -2.88
CA CYS A 146 -2.19 12.94 -1.82
C CYS A 146 -2.50 13.57 -0.47
N GLN A 147 -1.84 14.68 -0.18
CA GLN A 147 -2.17 15.37 1.01
C GLN A 147 -3.66 15.80 1.05
N TRP A 148 -4.14 16.32 -0.07
CA TRP A 148 -5.53 16.79 -0.15
C TRP A 148 -6.53 15.66 -0.18
N LYS A 149 -6.20 14.53 -0.85
CA LYS A 149 -7.11 13.37 -0.81
C LYS A 149 -7.23 12.83 0.60
N ASN A 150 -6.15 12.86 1.36
CA ASN A 150 -6.23 12.19 2.60
C ASN A 150 -7.21 12.94 3.50
N VAL A 151 -7.15 14.27 3.46
CA VAL A 151 -8.15 15.06 4.14
C VAL A 151 -9.52 14.66 3.60
N GLU A 152 -9.67 14.67 2.28
CA GLU A 152 -10.96 14.31 1.73
C GLU A 152 -11.46 13.02 2.29
N LEU A 153 -10.61 11.99 2.22
CA LEU A 153 -11.07 10.67 2.58
C LEU A 153 -11.20 10.48 4.05
N ASN A 154 -10.90 11.51 4.84
CA ASN A 154 -11.01 11.39 6.31
C ASN A 154 -12.03 12.35 6.96
N ILE A 155 -12.91 12.91 6.15
CA ILE A 155 -13.93 13.77 6.61
C ILE A 155 -14.88 12.98 7.51
N HIS A 156 -15.10 13.47 8.74
CA HIS A 156 -16.13 12.91 9.59
C HIS A 156 -16.75 14.10 10.24
N LEU A 157 -17.96 14.39 9.78
CA LEU A 157 -18.59 15.62 10.11
C LEU A 157 -19.44 15.44 11.32
N THR A 158 -19.48 16.51 12.09
CA THR A 158 -20.37 16.61 13.23
C THR A 158 -20.95 18.00 13.24
N MET A 159 -22.04 18.15 13.99
CA MET A 159 -22.66 19.45 14.18
C MET A 159 -21.61 20.47 14.55
N ASN A 160 -20.65 20.01 15.30
CA ASN A 160 -19.61 20.84 15.77
C ASN A 160 -18.75 21.46 14.68
N ASP A 161 -18.72 20.85 13.48
CA ASP A 161 -18.02 21.41 12.30
C ASP A 161 -18.74 22.57 11.61
N PHE A 162 -19.97 22.82 12.01
CA PHE A 162 -20.74 23.97 11.52
C PHE A 162 -21.08 25.00 12.57
N SER A 163 -21.20 26.23 12.13
CA SER A 163 -21.68 27.30 12.99
C SER A 163 -23.14 27.45 12.62
N VAL A 164 -24.04 26.97 13.46
CA VAL A 164 -25.45 26.99 13.05
C VAL A 164 -26.14 28.34 13.33
N HIS A 165 -26.95 28.84 12.42
CA HIS A 165 -27.60 30.14 12.60
C HIS A 165 -29.12 29.94 12.51
N ARG A 166 -29.85 30.90 11.96
CA ARG A 166 -31.29 30.91 12.11
C ARG A 166 -32.06 29.91 11.26
N ILE A 167 -33.15 29.46 11.84
CA ILE A 167 -34.14 28.54 11.25
C ILE A 167 -34.71 29.23 9.99
N ILE A 168 -34.83 28.49 8.89
CA ILE A 168 -35.30 29.03 7.60
C ILE A 168 -36.32 28.16 6.88
N GLY A 169 -36.80 27.15 7.56
CA GLY A 169 -37.78 26.24 6.99
C GLY A 169 -38.07 25.09 7.94
N ARG A 170 -39.24 24.51 7.82
CA ARG A 170 -39.66 23.47 8.73
C ARG A 170 -40.73 22.64 8.05
N GLY A 171 -40.81 21.37 8.42
CA GLY A 171 -41.91 20.52 8.00
C GLY A 171 -42.13 19.39 8.99
N GLY A 172 -42.52 18.23 8.44
CA GLY A 172 -42.82 17.03 9.24
C GLY A 172 -41.71 16.53 10.16
N PHE A 173 -40.52 16.29 9.63
CA PHE A 173 -39.47 15.61 10.41
C PHE A 173 -38.37 16.51 10.96
N GLY A 174 -38.37 17.81 10.68
CA GLY A 174 -37.29 18.66 11.18
C GLY A 174 -37.26 20.09 10.65
N GLU A 175 -36.06 20.66 10.65
CA GLU A 175 -35.86 22.06 10.37
C GLU A 175 -34.64 22.26 9.49
N VAL A 176 -34.65 23.36 8.75
CA VAL A 176 -33.48 23.82 8.05
C VAL A 176 -32.95 25.09 8.69
N TYR A 177 -31.63 25.14 8.84
CA TYR A 177 -30.97 26.27 9.42
C TYR A 177 -29.95 26.67 8.42
N GLY A 178 -29.67 27.96 8.31
CA GLY A 178 -28.49 28.38 7.57
C GLY A 178 -27.29 28.12 8.47
N CYS A 179 -26.14 27.84 7.85
CA CYS A 179 -24.91 27.65 8.59
C CYS A 179 -23.61 28.02 7.82
N ARG A 180 -22.51 28.10 8.56
CA ARG A 180 -21.18 28.28 8.01
C ARG A 180 -20.45 26.98 8.33
N LYS A 181 -19.82 26.36 7.34
CA LYS A 181 -18.94 25.24 7.63
C LYS A 181 -17.64 25.84 8.11
N ALA A 182 -17.30 25.64 9.37
CA ALA A 182 -16.14 26.32 9.99
C ALA A 182 -14.85 26.27 9.15
N ASP A 183 -14.31 25.07 8.89
CA ASP A 183 -13.20 24.79 7.88
C ASP A 183 -12.90 25.93 6.92
N THR A 184 -13.86 26.16 6.02
CA THR A 184 -13.69 26.92 4.79
C THR A 184 -14.45 28.25 4.81
N GLY A 185 -15.36 28.39 5.73
CA GLY A 185 -16.21 29.56 5.73
C GLY A 185 -17.47 29.52 4.91
N LYS A 186 -17.72 28.41 4.24
CA LYS A 186 -18.71 28.36 3.18
C LYS A 186 -20.07 28.27 3.78
N MET A 187 -20.97 29.13 3.33
CA MET A 187 -22.36 29.14 3.78
C MET A 187 -23.19 28.03 3.15
N TYR A 188 -24.00 27.38 3.97
CA TYR A 188 -24.90 26.33 3.54
C TYR A 188 -26.21 26.37 4.32
N ALA A 189 -27.14 25.55 3.90
CA ALA A 189 -28.26 25.20 4.74
C ALA A 189 -27.92 23.88 5.39
N MET A 190 -28.44 23.70 6.60
CA MET A 190 -28.39 22.40 7.23
C MET A 190 -29.80 22.03 7.51
N LYS A 191 -30.16 20.86 7.01
CA LYS A 191 -31.46 20.31 7.21
C LYS A 191 -31.29 19.21 8.24
N CYS A 192 -31.96 19.37 9.38
CA CYS A 192 -31.91 18.40 10.47
C CYS A 192 -33.22 17.71 10.58
N LEU A 193 -33.24 16.41 10.37
CA LEU A 193 -34.43 15.65 10.68
C LEU A 193 -34.21 14.86 11.95
N ASP A 194 -35.23 14.89 12.82
CA ASP A 194 -35.22 14.16 14.07
C ASP A 194 -35.62 12.70 13.90
N LYS A 195 -34.70 11.77 14.21
CA LYS A 195 -34.99 10.34 14.12
C LYS A 195 -36.16 9.85 14.94
N LYS A 196 -36.45 10.52 16.06
CA LYS A 196 -37.64 10.20 16.85
C LYS A 196 -38.88 10.59 16.06
N ARG A 197 -39.00 11.86 15.72
CA ARG A 197 -40.12 12.33 14.92
C ARG A 197 -40.32 11.41 13.73
N ILE A 198 -39.22 10.96 13.14
CA ILE A 198 -39.29 10.08 11.98
C ILE A 198 -39.94 8.77 12.35
N LYS A 199 -39.28 8.00 13.22
CA LYS A 199 -39.78 6.69 13.68
C LYS A 199 -41.28 6.69 13.99
N MET A 200 -41.71 7.70 14.74
CA MET A 200 -43.11 7.95 15.02
C MET A 200 -43.98 7.87 13.75
N LYS A 201 -43.71 8.75 12.79
CA LYS A 201 -44.51 8.87 11.57
C LYS A 201 -44.09 7.89 10.46
N GLN A 202 -43.20 6.95 10.80
CA GLN A 202 -42.84 5.84 9.91
C GLN A 202 -42.43 6.33 8.53
N GLY A 203 -41.57 7.34 8.52
CA GLY A 203 -41.03 7.89 7.28
C GLY A 203 -39.51 7.75 7.28
N GLU A 204 -39.04 6.57 7.65
CA GLU A 204 -37.62 6.26 7.64
C GLU A 204 -37.14 6.08 6.21
N THR A 205 -37.99 5.47 5.40
CA THR A 205 -37.72 5.30 3.99
C THR A 205 -37.64 6.67 3.29
N LEU A 206 -38.51 7.61 3.69
CA LEU A 206 -38.57 8.94 3.08
C LEU A 206 -37.33 9.79 3.34
N ALA A 207 -36.80 9.73 4.55
CA ALA A 207 -35.55 10.39 4.83
C ALA A 207 -34.37 9.68 4.13
N LEU A 208 -34.39 8.36 4.13
CA LEU A 208 -33.37 7.66 3.38
C LEU A 208 -33.43 8.07 1.92
N ASN A 209 -34.64 8.26 1.43
CA ASN A 209 -34.84 8.48 0.03
C ASN A 209 -34.28 9.85 -0.34
N GLU A 210 -34.59 10.85 0.47
CA GLU A 210 -34.12 12.18 0.18
C GLU A 210 -32.60 12.19 0.01
N ARG A 211 -31.89 11.45 0.87
CA ARG A 211 -30.43 11.29 0.70
C ARG A 211 -30.03 10.61 -0.60
N ILE A 212 -30.66 9.51 -0.92
CA ILE A 212 -30.21 8.80 -2.09
C ILE A 212 -30.49 9.68 -3.28
N MET A 213 -31.63 10.35 -3.25
CA MET A 213 -32.04 11.20 -4.36
C MET A 213 -31.10 12.37 -4.51
N LEU A 214 -30.85 13.10 -3.42
CA LEU A 214 -29.83 14.16 -3.42
C LEU A 214 -28.49 13.68 -4.01
N SER A 215 -28.07 12.49 -3.61
CA SER A 215 -26.81 11.94 -4.10
C SER A 215 -26.85 11.71 -5.63
N LEU A 216 -28.03 11.52 -6.20
CA LEU A 216 -28.12 11.40 -7.65
C LEU A 216 -28.07 12.74 -8.42
N VAL A 217 -28.51 13.83 -7.81
CA VAL A 217 -28.67 15.06 -8.56
C VAL A 217 -27.61 16.07 -8.19
N SER A 218 -26.81 15.79 -7.16
CA SER A 218 -25.92 16.81 -6.64
C SER A 218 -24.61 17.07 -7.41
N THR A 219 -24.27 16.25 -8.38
CA THR A 219 -23.07 16.53 -9.19
C THR A 219 -23.40 17.55 -10.30
N GLY A 220 -22.37 18.21 -10.84
CA GLY A 220 -22.52 18.99 -12.03
C GLY A 220 -23.08 20.38 -11.80
N ASP A 221 -23.19 20.72 -10.52
CA ASP A 221 -23.38 22.10 -10.11
C ASP A 221 -24.59 22.74 -10.81
N CYS A 222 -25.76 22.25 -10.43
CA CYS A 222 -26.96 22.68 -11.07
C CYS A 222 -27.48 23.84 -10.31
N PRO A 223 -27.45 25.03 -10.93
CA PRO A 223 -27.91 26.22 -10.26
C PRO A 223 -29.43 26.28 -10.11
N PHE A 224 -30.17 25.23 -10.47
CA PHE A 224 -31.59 25.23 -10.26
C PHE A 224 -32.12 24.11 -9.38
N ILE A 225 -31.22 23.40 -8.72
CA ILE A 225 -31.67 22.45 -7.74
C ILE A 225 -30.92 22.71 -6.47
N VAL A 226 -31.57 22.46 -5.36
CA VAL A 226 -30.94 22.63 -4.07
C VAL A 226 -30.23 21.34 -3.76
N CYS A 227 -28.95 21.34 -4.08
CA CYS A 227 -28.11 20.15 -4.02
C CYS A 227 -27.35 19.95 -2.74
N MET A 228 -26.85 18.73 -2.55
CA MET A 228 -26.19 18.30 -1.30
C MET A 228 -24.67 18.29 -1.46
N SER A 229 -23.98 18.65 -0.40
CA SER A 229 -22.54 18.55 -0.35
C SER A 229 -22.13 17.47 0.64
N TYR A 230 -22.85 17.37 1.76
CA TYR A 230 -22.56 16.31 2.76
C TYR A 230 -23.83 15.81 3.39
N ALA A 231 -23.70 14.64 3.99
CA ALA A 231 -24.69 14.10 4.91
C ALA A 231 -23.95 13.38 6.01
N PHE A 232 -24.38 13.58 7.25
CA PHE A 232 -23.86 12.84 8.40
C PHE A 232 -24.99 12.70 9.39
N HIS A 233 -24.73 12.03 10.49
CA HIS A 233 -25.74 11.93 11.52
C HIS A 233 -25.16 11.79 12.90
N THR A 234 -26.06 11.95 13.85
CA THR A 234 -25.76 11.73 15.23
C THR A 234 -26.74 10.68 15.68
N PRO A 235 -26.62 10.24 16.95
CA PRO A 235 -27.61 9.26 17.37
C PRO A 235 -29.04 9.78 17.27
N ASP A 236 -29.21 11.11 17.24
CA ASP A 236 -30.54 11.69 17.19
C ASP A 236 -31.02 12.18 15.83
N LYS A 237 -30.08 12.50 14.94
CA LYS A 237 -30.40 13.35 13.82
C LYS A 237 -29.76 12.99 12.52
N LEU A 238 -30.53 13.18 11.48
CA LEU A 238 -30.01 13.16 10.14
C LEU A 238 -29.66 14.59 9.79
N SER A 239 -28.54 14.77 9.11
CA SER A 239 -28.14 16.11 8.66
C SER A 239 -27.71 16.04 7.25
N PHE A 240 -28.35 16.86 6.43
CA PHE A 240 -27.94 17.14 5.05
C PHE A 240 -27.37 18.53 4.99
N ILE A 241 -26.21 18.68 4.37
CA ILE A 241 -25.71 20.02 4.09
C ILE A 241 -26.06 20.37 2.68
N LEU A 242 -26.88 21.38 2.52
CA LEU A 242 -27.46 21.72 1.27
C LEU A 242 -27.12 23.14 0.86
N ASP A 243 -27.45 23.46 -0.37
CA ASP A 243 -27.30 24.84 -0.87
C ASP A 243 -28.17 25.71 -0.01
N LEU A 244 -27.64 26.87 0.35
CA LEU A 244 -28.34 27.80 1.17
C LEU A 244 -29.17 28.67 0.26
N MET A 245 -30.47 28.72 0.54
CA MET A 245 -31.40 29.64 -0.12
C MET A 245 -32.10 30.53 0.89
N ASN A 246 -31.57 31.73 1.04
CA ASN A 246 -32.11 32.72 1.99
C ASN A 246 -33.45 33.39 1.64
N GLY A 247 -33.89 33.27 0.40
CA GLY A 247 -35.05 34.00 -0.02
C GLY A 247 -36.39 33.39 0.26
N GLY A 248 -36.46 32.25 0.92
CA GLY A 248 -37.75 31.66 1.31
C GLY A 248 -38.38 31.10 0.09
N ASP A 249 -39.59 30.58 0.15
CA ASP A 249 -40.14 29.82 -0.96
C ASP A 249 -41.25 30.56 -1.69
N LEU A 250 -41.66 30.02 -2.83
CA LEU A 250 -42.64 30.69 -3.68
C LEU A 250 -44.00 30.83 -3.02
N HIS A 251 -44.42 29.77 -2.33
CA HIS A 251 -45.73 29.77 -1.77
C HIS A 251 -45.89 30.98 -0.85
N TYR A 252 -44.90 31.21 -0.01
CA TYR A 252 -44.92 32.43 0.80
C TYR A 252 -45.02 33.69 -0.10
N HIS A 253 -44.11 33.81 -1.06
CA HIS A 253 -44.07 34.96 -1.92
C HIS A 253 -45.32 35.08 -2.77
N LEU A 254 -45.91 33.95 -3.15
CA LEU A 254 -47.13 34.00 -3.94
C LEU A 254 -48.15 34.78 -3.15
N SER A 255 -48.36 34.34 -1.89
CA SER A 255 -49.34 34.94 -1.04
C SER A 255 -48.94 36.36 -0.64
N GLN A 256 -47.65 36.69 -0.62
CA GLN A 256 -47.27 38.11 -0.38
C GLN A 256 -47.56 39.04 -1.58
N HIS A 257 -47.23 38.54 -2.78
CA HIS A 257 -47.23 39.34 -4.00
C HIS A 257 -48.62 39.46 -4.59
N GLY A 258 -49.46 38.47 -4.26
CA GLY A 258 -50.58 38.15 -5.09
C GLY A 258 -50.05 37.35 -6.27
N VAL A 259 -50.97 37.05 -7.19
CA VAL A 259 -50.63 36.33 -8.41
C VAL A 259 -49.60 37.08 -9.26
N PHE A 260 -48.99 36.34 -10.20
CA PHE A 260 -47.91 36.85 -11.05
C PHE A 260 -48.38 36.99 -12.47
N SER A 261 -47.99 38.08 -13.08
CA SER A 261 -48.15 38.22 -14.51
C SER A 261 -47.49 37.07 -15.24
N GLU A 262 -47.82 36.91 -16.50
CA GLU A 262 -47.28 35.82 -17.29
C GLU A 262 -45.77 35.98 -17.38
N ALA A 263 -45.31 37.21 -17.57
CA ALA A 263 -43.92 37.48 -17.77
C ALA A 263 -43.09 37.11 -16.53
N ASP A 264 -43.64 37.35 -15.34
CA ASP A 264 -43.06 37.00 -14.08
C ASP A 264 -43.05 35.49 -13.94
N MET A 265 -44.17 34.90 -14.29
CA MET A 265 -44.29 33.46 -14.21
C MET A 265 -43.25 32.82 -15.12
N ARG A 266 -42.98 33.47 -16.24
CA ARG A 266 -42.10 32.94 -17.27
C ARG A 266 -40.71 32.81 -16.73
N PHE A 267 -40.25 33.83 -16.04
CA PHE A 267 -38.98 33.73 -15.40
C PHE A 267 -38.93 32.47 -14.53
N TYR A 268 -39.89 32.27 -13.64
CA TYR A 268 -39.87 31.14 -12.73
C TYR A 268 -39.89 29.83 -13.44
N ALA A 269 -40.80 29.71 -14.38
CA ALA A 269 -40.96 28.48 -15.12
C ALA A 269 -39.68 28.10 -15.80
N ALA A 270 -38.99 29.07 -16.38
CA ALA A 270 -37.75 28.75 -17.11
C ALA A 270 -36.72 28.08 -16.23
N GLU A 271 -36.45 28.71 -15.11
CA GLU A 271 -35.40 28.23 -14.23
C GLU A 271 -35.78 26.85 -13.71
N ILE A 272 -37.07 26.66 -13.47
CA ILE A 272 -37.55 25.43 -12.93
C ILE A 272 -37.40 24.34 -13.95
N ILE A 273 -37.67 24.68 -15.19
CA ILE A 273 -37.58 23.72 -16.26
C ILE A 273 -36.17 23.22 -16.31
N LEU A 274 -35.20 24.11 -16.34
CA LEU A 274 -33.82 23.69 -16.32
C LEU A 274 -33.51 22.72 -15.16
N GLY A 275 -34.10 22.92 -13.98
CA GLY A 275 -33.80 22.06 -12.86
C GLY A 275 -34.45 20.72 -13.10
N LEU A 276 -35.71 20.74 -13.55
CA LEU A 276 -36.39 19.51 -13.92
C LEU A 276 -35.54 18.74 -14.91
N GLU A 277 -35.06 19.45 -15.92
CA GLU A 277 -34.24 18.86 -16.96
C GLU A 277 -33.09 18.10 -16.34
N HIS A 278 -32.38 18.75 -15.41
CA HIS A 278 -31.20 18.17 -14.77
C HIS A 278 -31.49 16.87 -14.08
N MET A 279 -32.61 16.84 -13.38
CA MET A 279 -33.05 15.68 -12.67
C MET A 279 -33.54 14.58 -13.54
N HIS A 280 -34.11 14.97 -14.65
CA HIS A 280 -34.68 14.02 -15.57
C HIS A 280 -33.55 13.34 -16.36
N ASN A 281 -32.58 14.11 -16.81
CA ASN A 281 -31.34 13.52 -17.25
C ASN A 281 -30.69 12.59 -16.23
N ARG A 282 -31.06 12.64 -14.94
CA ARG A 282 -30.52 11.67 -14.01
C ARG A 282 -31.54 10.66 -13.54
N PHE A 283 -32.58 10.49 -14.36
CA PHE A 283 -33.65 9.52 -14.19
C PHE A 283 -34.33 9.66 -12.82
N VAL A 284 -34.53 10.91 -12.39
CA VAL A 284 -35.27 11.21 -11.17
C VAL A 284 -36.56 12.01 -11.44
N VAL A 285 -37.69 11.56 -10.89
CA VAL A 285 -38.90 12.37 -10.89
C VAL A 285 -39.08 13.02 -9.53
N TYR A 286 -39.23 14.32 -9.54
CA TYR A 286 -39.43 15.05 -8.33
C TYR A 286 -40.80 14.74 -7.69
N ARG A 287 -41.85 14.81 -8.49
CA ARG A 287 -43.18 14.39 -8.08
C ARG A 287 -43.93 15.38 -7.19
N ASP A 288 -43.22 16.18 -6.39
CA ASP A 288 -43.89 17.08 -5.44
C ASP A 288 -43.79 18.54 -5.88
N LEU A 289 -43.66 18.78 -7.17
CA LEU A 289 -43.44 20.14 -7.61
C LEU A 289 -44.60 21.07 -7.22
N LYS A 290 -44.27 22.22 -6.59
CA LYS A 290 -45.25 23.26 -6.26
C LYS A 290 -44.60 24.46 -5.57
N PRO A 291 -45.23 25.64 -5.61
CA PRO A 291 -44.59 26.86 -5.09
C PRO A 291 -43.73 26.65 -3.88
N ALA A 292 -44.28 25.97 -2.89
CA ALA A 292 -43.56 25.77 -1.62
C ALA A 292 -42.27 24.93 -1.69
N ASN A 293 -42.12 24.08 -2.71
CA ASN A 293 -40.82 23.40 -2.95
C ASN A 293 -39.85 24.10 -3.92
N ILE A 294 -40.14 25.35 -4.21
CA ILE A 294 -39.30 26.18 -5.00
C ILE A 294 -38.82 27.25 -4.08
N LEU A 295 -37.52 27.35 -3.88
CA LEU A 295 -37.01 28.33 -2.98
C LEU A 295 -36.42 29.37 -3.86
N LEU A 296 -36.26 30.56 -3.27
CA LEU A 296 -35.62 31.70 -3.84
C LEU A 296 -34.34 31.94 -3.14
N ASP A 297 -33.40 32.49 -3.86
CA ASP A 297 -32.18 32.95 -3.26
C ASP A 297 -32.30 34.46 -2.98
N GLU A 298 -31.27 35.01 -2.36
CA GLU A 298 -31.15 36.41 -2.03
C GLU A 298 -31.49 37.37 -3.23
N HIS A 299 -31.32 36.89 -4.45
CA HIS A 299 -31.51 37.72 -5.62
C HIS A 299 -32.82 37.41 -6.33
N GLY A 300 -33.48 36.34 -6.01
CA GLY A 300 -34.73 36.02 -6.66
C GLY A 300 -34.75 34.82 -7.58
N HIS A 301 -33.58 34.25 -7.82
CA HIS A 301 -33.49 33.07 -8.67
C HIS A 301 -33.90 31.94 -7.77
N VAL A 302 -34.44 30.92 -8.40
CA VAL A 302 -35.07 29.83 -7.74
C VAL A 302 -34.48 28.47 -8.08
N ARG A 303 -34.89 27.48 -7.27
CA ARG A 303 -34.37 26.16 -7.33
C ARG A 303 -35.40 25.21 -6.79
N ILE A 304 -35.39 23.98 -7.28
CA ILE A 304 -36.23 22.96 -6.75
C ILE A 304 -35.58 22.37 -5.47
N SER A 305 -36.40 22.11 -4.45
CA SER A 305 -35.84 21.59 -3.20
C SER A 305 -36.66 20.51 -2.62
N ASP A 306 -36.04 19.75 -1.73
CA ASP A 306 -36.67 18.66 -0.98
C ASP A 306 -37.06 17.52 -1.92
N LEU A 307 -36.10 16.62 -2.14
CA LEU A 307 -36.31 15.43 -2.93
C LEU A 307 -36.89 14.24 -2.14
N GLY A 308 -37.43 14.47 -0.94
CA GLY A 308 -38.08 13.39 -0.21
C GLY A 308 -38.97 12.47 -1.05
N LEU A 309 -39.99 13.07 -1.66
CA LEU A 309 -40.96 12.33 -2.46
C LEU A 309 -40.47 12.09 -3.88
N ALA A 310 -39.23 12.50 -4.19
CA ALA A 310 -38.66 12.19 -5.52
C ALA A 310 -38.30 10.73 -5.57
N CYS A 311 -37.99 10.23 -6.75
CA CYS A 311 -37.97 8.79 -7.02
C CYS A 311 -37.11 8.53 -8.24
N ASP A 312 -36.26 7.52 -8.15
CA ASP A 312 -35.47 7.04 -9.29
C ASP A 312 -36.44 6.27 -10.18
N PHE A 313 -36.32 6.51 -11.48
CA PHE A 313 -36.97 5.68 -12.49
C PHE A 313 -35.91 5.14 -13.48
N SER A 314 -34.67 4.94 -13.02
CA SER A 314 -33.65 4.36 -13.87
C SER A 314 -33.93 2.89 -14.22
N LYS A 315 -34.65 2.20 -13.34
CA LYS A 315 -35.00 0.77 -13.49
C LYS A 315 -36.51 0.53 -13.33
N LYS A 316 -37.00 0.65 -12.10
CA LYS A 316 -38.41 0.47 -11.81
C LYS A 316 -39.08 1.82 -11.98
N LYS A 317 -40.05 1.87 -12.88
CA LYS A 317 -40.88 3.04 -12.97
C LYS A 317 -41.89 2.97 -11.83
N PRO A 318 -42.13 4.10 -11.11
CA PRO A 318 -43.08 4.07 -9.99
C PRO A 318 -44.51 4.09 -10.49
N HIS A 319 -45.45 3.74 -9.60
CA HIS A 319 -46.86 3.75 -9.96
C HIS A 319 -47.76 4.53 -8.96
N ALA A 320 -47.27 4.72 -7.73
CA ALA A 320 -48.07 5.16 -6.58
C ALA A 320 -48.50 6.63 -6.62
N SER A 321 -49.67 6.94 -6.03
CA SER A 321 -50.11 8.34 -5.87
C SER A 321 -49.26 9.08 -4.80
N VAL A 322 -48.24 9.79 -5.28
CA VAL A 322 -47.35 10.54 -4.42
C VAL A 322 -47.17 11.91 -5.02
N GLY A 323 -47.54 12.93 -4.24
CA GLY A 323 -47.25 14.33 -4.57
C GLY A 323 -47.99 15.26 -3.62
N THR A 324 -48.47 16.38 -4.13
CA THR A 324 -49.39 17.17 -3.34
C THR A 324 -50.65 17.32 -4.13
N HIS A 325 -51.76 17.08 -3.45
CA HIS A 325 -53.08 17.14 -4.04
C HIS A 325 -53.22 18.55 -4.60
N GLY A 326 -53.62 18.63 -5.88
CA GLY A 326 -53.60 19.87 -6.67
C GLY A 326 -52.62 19.86 -7.85
N TYR A 327 -51.48 19.16 -7.66
CA TYR A 327 -50.34 19.13 -8.62
C TYR A 327 -50.02 17.76 -9.21
N MET A 328 -50.72 16.72 -8.79
CA MET A 328 -50.39 15.36 -9.20
C MET A 328 -51.10 15.01 -10.50
N ALA A 329 -50.34 14.42 -11.42
CA ALA A 329 -50.87 13.95 -12.70
C ALA A 329 -51.91 12.84 -12.49
N PRO A 330 -52.70 12.51 -13.52
CA PRO A 330 -53.55 11.29 -13.48
C PRO A 330 -52.80 9.96 -13.23
N GLU A 331 -51.81 9.64 -14.07
CA GLU A 331 -50.99 8.42 -13.91
C GLU A 331 -50.44 8.28 -12.48
N VAL A 332 -50.08 9.42 -11.92
CA VAL A 332 -49.78 9.49 -10.50
C VAL A 332 -51.01 8.92 -9.77
N LEU A 333 -52.09 9.71 -9.73
CA LEU A 333 -53.27 9.44 -8.89
C LEU A 333 -53.83 8.03 -9.04
N GLN A 334 -53.74 7.52 -10.27
CA GLN A 334 -54.03 6.14 -10.60
C GLN A 334 -52.92 5.20 -10.11
N LYS A 335 -53.28 4.38 -9.11
CA LYS A 335 -52.38 3.37 -8.52
C LYS A 335 -52.22 2.19 -9.45
N GLY A 336 -51.11 1.46 -9.25
CA GLY A 336 -50.73 0.36 -10.14
C GLY A 336 -50.28 0.88 -11.49
N VAL A 337 -51.04 1.83 -12.04
CA VAL A 337 -50.63 2.69 -13.16
C VAL A 337 -49.26 3.36 -12.89
N ALA A 338 -48.32 3.09 -13.78
CA ALA A 338 -46.93 3.53 -13.66
C ALA A 338 -46.74 4.90 -14.31
N TYR A 339 -45.63 5.57 -14.00
CA TYR A 339 -45.32 6.89 -14.55
C TYR A 339 -43.86 7.26 -14.36
N ASP A 340 -43.30 8.01 -15.31
CA ASP A 340 -41.94 8.56 -15.21
C ASP A 340 -41.93 10.14 -15.09
N SER A 341 -40.94 10.78 -15.71
CA SER A 341 -40.87 12.24 -15.91
C SER A 341 -42.21 12.98 -15.95
N SER A 342 -43.13 12.41 -16.72
CA SER A 342 -44.37 13.05 -17.09
C SER A 342 -45.02 13.89 -16.00
N ALA A 343 -45.08 13.32 -14.80
CA ALA A 343 -45.85 13.93 -13.73
C ALA A 343 -45.34 15.33 -13.33
N ASP A 344 -44.03 15.53 -13.44
CA ASP A 344 -43.45 16.82 -13.14
C ASP A 344 -43.93 17.82 -14.20
N TRP A 345 -43.94 17.42 -15.45
CA TRP A 345 -44.45 18.30 -16.49
C TRP A 345 -45.90 18.76 -16.24
N PHE A 346 -46.72 17.87 -15.73
CA PHE A 346 -48.09 18.20 -15.35
C PHE A 346 -48.16 19.08 -14.10
N SER A 347 -47.41 18.72 -13.07
CA SER A 347 -47.33 19.57 -11.89
C SER A 347 -46.82 20.96 -12.26
N LEU A 348 -45.93 21.01 -13.25
CA LEU A 348 -45.43 22.27 -13.72
C LEU A 348 -46.59 23.11 -14.19
N GLY A 349 -47.44 22.53 -15.03
CA GLY A 349 -48.62 23.24 -15.50
C GLY A 349 -49.45 23.73 -14.34
N CYS A 350 -49.70 22.82 -13.41
CA CYS A 350 -50.58 23.08 -12.28
C CYS A 350 -50.04 24.21 -11.47
N MET A 351 -48.74 24.12 -11.22
CA MET A 351 -48.06 25.10 -10.45
C MET A 351 -47.99 26.39 -11.22
N LEU A 352 -47.82 26.33 -12.52
CA LEU A 352 -47.72 27.56 -13.30
C LEU A 352 -49.07 28.27 -13.27
N PHE A 353 -50.11 27.49 -13.52
CA PHE A 353 -51.47 28.00 -13.39
C PHE A 353 -51.58 28.70 -12.06
N LYS A 354 -51.16 28.00 -10.99
CA LYS A 354 -51.29 28.53 -9.64
C LYS A 354 -50.55 29.85 -9.45
N LEU A 355 -49.46 30.12 -10.16
CA LEU A 355 -48.81 31.42 -9.97
C LEU A 355 -49.60 32.52 -10.68
N LEU A 356 -50.38 32.13 -11.67
CA LEU A 356 -51.13 33.12 -12.47
C LEU A 356 -52.42 33.50 -11.76
N ARG A 357 -53.04 32.50 -11.11
CA ARG A 357 -54.42 32.58 -10.58
C ARG A 357 -54.63 32.37 -9.07
N GLY A 358 -53.57 32.10 -8.32
CA GLY A 358 -53.67 31.95 -6.86
C GLY A 358 -54.10 30.60 -6.33
N HIS A 359 -54.50 29.69 -7.22
CA HIS A 359 -55.02 28.36 -6.85
C HIS A 359 -54.66 27.39 -7.97
N SER A 360 -54.47 26.12 -7.60
CA SER A 360 -54.30 25.03 -8.56
C SER A 360 -55.45 25.08 -9.51
N PRO A 361 -55.22 24.66 -10.75
CA PRO A 361 -56.35 24.66 -11.67
C PRO A 361 -57.52 23.82 -11.15
N PHE A 362 -57.22 22.77 -10.37
CA PHE A 362 -58.21 21.76 -9.99
C PHE A 362 -58.75 21.95 -8.58
N ARG A 363 -58.45 23.11 -7.99
CA ARG A 363 -59.01 23.56 -6.72
C ARG A 363 -60.06 24.67 -7.00
N GLN A 364 -61.33 24.33 -7.02
CA GLN A 364 -62.38 25.31 -7.35
C GLN A 364 -63.07 25.86 -6.10
N HIS A 365 -63.50 27.13 -6.16
CA HIS A 365 -64.33 27.78 -5.13
C HIS A 365 -63.87 27.54 -3.66
N LYS A 366 -62.59 27.79 -3.39
CA LYS A 366 -61.97 27.59 -2.07
C LYS A 366 -62.06 26.15 -1.53
N THR A 367 -62.30 25.15 -2.40
CA THR A 367 -62.55 23.78 -1.94
C THR A 367 -61.33 23.18 -1.26
N LYS A 368 -61.58 22.49 -0.14
CA LYS A 368 -60.54 21.88 0.70
C LYS A 368 -60.70 20.36 0.75
N ASP A 369 -61.46 19.82 -0.21
CA ASP A 369 -61.65 18.38 -0.31
C ASP A 369 -60.74 17.76 -1.39
N LYS A 370 -59.86 16.89 -0.90
CA LYS A 370 -58.91 16.17 -1.73
C LYS A 370 -59.61 15.29 -2.78
N HIS A 371 -60.53 14.41 -2.35
CA HIS A 371 -61.20 13.51 -3.29
C HIS A 371 -61.91 14.27 -4.42
N GLU A 372 -62.27 15.55 -4.18
CA GLU A 372 -62.80 16.45 -5.24
C GLU A 372 -61.76 16.81 -6.29
N ILE A 373 -60.54 17.09 -5.87
CA ILE A 373 -59.45 17.54 -6.75
C ILE A 373 -58.84 16.39 -7.55
N ASP A 374 -58.65 15.26 -6.88
CA ASP A 374 -58.45 13.97 -7.53
C ASP A 374 -59.47 13.87 -8.66
N ARG A 375 -60.75 13.89 -8.28
CA ARG A 375 -61.89 13.65 -9.19
C ARG A 375 -61.77 14.51 -10.44
N MET A 376 -61.71 15.83 -10.28
CA MET A 376 -61.75 16.73 -11.43
C MET A 376 -60.41 16.87 -12.17
N THR A 377 -59.33 16.29 -11.63
CA THR A 377 -58.06 16.12 -12.37
C THR A 377 -58.19 14.92 -13.33
N LEU A 378 -58.70 13.82 -12.81
CA LEU A 378 -58.92 12.62 -13.59
C LEU A 378 -60.04 12.86 -14.62
N THR A 379 -61.12 13.49 -14.16
CA THR A 379 -62.38 13.66 -14.93
C THR A 379 -62.39 14.82 -15.95
N MET A 380 -62.24 16.06 -15.47
CA MET A 380 -62.43 17.30 -16.26
C MET A 380 -61.14 17.91 -16.86
N ALA A 381 -61.25 18.43 -18.08
CA ALA A 381 -60.16 19.18 -18.72
C ALA A 381 -60.13 20.61 -18.19
N VAL A 382 -59.21 21.40 -18.72
CA VAL A 382 -58.85 22.65 -18.10
C VAL A 382 -59.51 23.90 -18.71
N GLU A 383 -60.49 24.45 -17.98
CA GLU A 383 -61.10 25.74 -18.36
C GLU A 383 -60.04 26.81 -18.04
N LEU A 384 -59.50 27.47 -19.06
CA LEU A 384 -58.43 28.44 -18.89
C LEU A 384 -58.90 29.88 -19.12
N PRO A 385 -58.80 30.75 -18.09
CA PRO A 385 -59.31 32.14 -18.08
C PRO A 385 -59.11 32.95 -19.38
N ASP A 386 -60.14 33.71 -19.77
CA ASP A 386 -60.09 34.56 -20.98
C ASP A 386 -58.71 35.19 -21.17
N SER A 387 -58.10 35.65 -20.08
CA SER A 387 -56.89 36.48 -20.15
C SER A 387 -55.66 35.75 -20.61
N PHE A 388 -55.61 34.42 -20.48
CA PHE A 388 -54.41 33.68 -20.87
C PHE A 388 -54.12 33.87 -22.35
N SER A 389 -53.09 34.67 -22.64
CA SER A 389 -52.50 34.75 -23.98
C SER A 389 -52.47 33.39 -24.67
N PRO A 390 -52.56 33.37 -26.00
CA PRO A 390 -52.60 32.08 -26.69
C PRO A 390 -51.38 31.23 -26.41
N GLU A 391 -50.19 31.85 -26.38
CA GLU A 391 -48.94 31.11 -26.11
C GLU A 391 -48.94 30.49 -24.70
N LEU A 392 -49.30 31.29 -23.72
CA LEU A 392 -49.44 30.73 -22.38
C LEU A 392 -50.48 29.62 -22.46
N ARG A 393 -51.59 29.92 -23.13
CA ARG A 393 -52.72 29.02 -23.28
C ARG A 393 -52.23 27.71 -23.90
N SER A 394 -51.41 27.81 -24.94
CA SER A 394 -50.82 26.64 -25.57
C SER A 394 -49.99 25.85 -24.59
N LEU A 395 -49.13 26.56 -23.86
CA LEU A 395 -48.22 25.92 -22.91
C LEU A 395 -49.01 25.20 -21.83
N LEU A 396 -49.94 25.89 -21.18
CA LEU A 396 -50.65 25.25 -20.08
C LEU A 396 -51.48 24.05 -20.55
N GLU A 397 -52.12 24.13 -21.72
CA GLU A 397 -52.88 22.97 -22.23
C GLU A 397 -51.91 21.89 -22.69
N GLY A 398 -50.77 22.30 -23.23
CA GLY A 398 -49.74 21.35 -23.54
C GLY A 398 -49.26 20.63 -22.29
N LEU A 399 -49.13 21.34 -21.17
CA LEU A 399 -48.54 20.70 -19.98
C LEU A 399 -49.57 19.88 -19.25
N LEU A 400 -50.81 20.31 -19.31
CA LEU A 400 -51.84 19.74 -18.47
C LEU A 400 -52.69 18.73 -19.23
N GLN A 401 -52.21 18.27 -20.37
CA GLN A 401 -52.82 17.14 -21.04
C GLN A 401 -52.93 15.97 -20.09
N ARG A 402 -54.13 15.39 -20.01
CA ARG A 402 -54.35 14.18 -19.19
C ARG A 402 -53.67 12.92 -19.77
N ASP A 403 -53.68 12.78 -21.11
CA ASP A 403 -53.01 11.68 -21.79
C ASP A 403 -51.52 12.00 -21.78
N VAL A 404 -50.71 11.09 -21.26
CA VAL A 404 -49.26 11.30 -21.21
C VAL A 404 -48.62 11.41 -22.60
N ASN A 405 -49.07 10.60 -23.54
CA ASN A 405 -48.60 10.70 -24.92
C ASN A 405 -48.91 12.06 -25.58
N ARG A 406 -49.87 12.81 -25.03
CA ARG A 406 -50.23 14.12 -25.60
C ARG A 406 -49.69 15.31 -24.79
N ARG A 407 -48.83 15.05 -23.80
CA ARG A 407 -48.33 16.11 -22.90
C ARG A 407 -46.92 16.64 -23.23
N LEU A 408 -46.83 17.96 -23.34
CA LEU A 408 -45.60 18.70 -23.64
C LEU A 408 -44.41 18.27 -22.73
N GLY A 409 -43.28 17.90 -23.33
CA GLY A 409 -42.16 17.36 -22.54
C GLY A 409 -42.10 15.83 -22.54
N CYS A 410 -43.27 15.21 -22.48
CA CYS A 410 -43.37 13.75 -22.49
C CYS A 410 -43.27 13.11 -23.88
N LEU A 411 -43.26 13.90 -24.96
CA LEU A 411 -43.26 13.37 -26.34
C LEU A 411 -41.86 13.03 -26.87
N GLY A 412 -40.94 12.58 -26.02
CA GLY A 412 -39.67 11.99 -26.51
C GLY A 412 -38.37 12.75 -26.37
N ARG A 413 -38.40 14.10 -26.44
CA ARG A 413 -37.16 14.93 -26.29
C ARG A 413 -37.05 15.71 -24.94
N GLY A 414 -37.90 15.36 -23.98
CA GLY A 414 -37.84 15.94 -22.64
C GLY A 414 -38.09 17.44 -22.55
N ALA A 415 -37.20 18.11 -21.84
CA ALA A 415 -37.42 19.48 -21.50
C ALA A 415 -37.39 20.36 -22.75
N GLN A 416 -36.56 19.98 -23.71
CA GLN A 416 -36.45 20.72 -24.94
C GLN A 416 -37.83 21.01 -25.58
N GLU A 417 -38.74 20.05 -25.57
CA GLU A 417 -40.07 20.31 -26.07
C GLU A 417 -40.63 21.54 -25.43
N VAL A 418 -40.47 21.62 -24.11
CA VAL A 418 -41.02 22.70 -23.31
C VAL A 418 -40.30 24.03 -23.55
N LYS A 419 -38.97 23.95 -23.66
CA LYS A 419 -38.18 25.13 -23.93
C LYS A 419 -38.60 25.77 -25.24
N GLU A 420 -39.05 24.92 -26.18
CA GLU A 420 -39.49 25.37 -27.50
C GLU A 420 -40.94 25.85 -27.55
N SER A 421 -41.73 25.66 -26.51
CA SER A 421 -43.04 26.29 -26.51
C SER A 421 -42.94 27.78 -26.85
N PRO A 422 -43.90 28.28 -27.67
CA PRO A 422 -43.91 29.70 -28.02
C PRO A 422 -44.02 30.62 -26.80
N PHE A 423 -44.48 30.07 -25.67
CA PHE A 423 -44.49 30.83 -24.44
C PHE A 423 -43.11 31.31 -24.05
N PHE A 424 -42.07 30.62 -24.52
CA PHE A 424 -40.67 30.92 -24.22
C PHE A 424 -39.88 31.37 -25.44
N ARG A 425 -40.60 31.66 -26.52
CA ARG A 425 -39.94 32.17 -27.71
C ARG A 425 -38.93 33.26 -27.35
N SER A 426 -39.25 34.16 -26.43
CA SER A 426 -38.37 35.31 -26.15
C SER A 426 -37.06 35.04 -25.38
N LEU A 427 -36.91 33.83 -24.84
CA LEU A 427 -35.75 33.47 -23.98
C LEU A 427 -34.58 32.90 -24.71
N ASP A 428 -33.40 33.36 -24.38
CA ASP A 428 -32.19 32.66 -24.73
C ASP A 428 -31.85 31.74 -23.52
N TRP A 429 -32.03 30.43 -23.69
CA TRP A 429 -31.86 29.46 -22.57
C TRP A 429 -30.45 29.40 -21.97
N GLN A 430 -29.46 29.91 -22.66
CA GLN A 430 -28.16 29.98 -22.09
C GLN A 430 -28.18 31.08 -21.05
N MET A 431 -28.88 32.17 -21.35
CA MET A 431 -29.02 33.28 -20.41
C MET A 431 -29.84 32.86 -19.19
N VAL A 432 -30.77 31.96 -19.38
CA VAL A 432 -31.52 31.48 -18.25
C VAL A 432 -30.59 30.66 -17.39
N PHE A 433 -29.83 29.77 -18.04
CA PHE A 433 -28.89 28.91 -17.36
C PHE A 433 -27.90 29.73 -16.59
N LEU A 434 -27.39 30.76 -17.23
CA LEU A 434 -26.50 31.75 -16.62
C LEU A 434 -27.16 32.64 -15.57
N GLN A 435 -28.46 32.47 -15.36
CA GLN A 435 -29.17 33.29 -14.37
C GLN A 435 -29.07 34.77 -14.72
N LYS A 436 -29.06 35.10 -16.00
CA LYS A 436 -28.87 36.47 -16.41
C LYS A 436 -30.19 37.28 -16.52
N TYR A 437 -31.33 36.61 -16.43
CA TYR A 437 -32.63 37.26 -16.42
C TYR A 437 -32.96 37.83 -15.07
N PRO A 438 -33.63 38.99 -15.06
CA PRO A 438 -33.89 39.73 -13.87
C PRO A 438 -35.10 39.14 -13.20
N PRO A 439 -34.94 38.70 -11.96
CA PRO A 439 -36.05 38.04 -11.27
C PRO A 439 -37.20 38.99 -10.96
N PRO A 440 -38.40 38.44 -10.89
CA PRO A 440 -39.61 39.19 -10.64
C PRO A 440 -39.74 39.71 -9.23
N LEU A 441 -39.18 39.00 -8.28
CA LEU A 441 -39.42 39.29 -6.89
C LEU A 441 -38.12 39.07 -6.18
N ILE A 442 -37.64 40.12 -5.54
CA ILE A 442 -36.43 40.14 -4.78
C ILE A 442 -36.74 40.01 -3.32
N PRO A 443 -36.27 38.92 -2.70
CA PRO A 443 -36.80 38.70 -1.37
C PRO A 443 -36.38 39.80 -0.44
N PRO A 444 -37.33 40.33 0.34
CA PRO A 444 -36.99 41.46 1.20
C PRO A 444 -36.32 40.95 2.45
N ARG A 445 -35.27 41.63 2.91
CA ARG A 445 -34.45 41.16 4.05
C ARG A 445 -35.24 40.67 5.30
N GLY A 446 -35.25 39.34 5.48
CA GLY A 446 -35.79 38.69 6.67
C GLY A 446 -34.66 38.51 7.66
N LYS A 465 -42.83 12.64 21.35
CA LYS A 465 -43.19 12.01 22.64
C LYS A 465 -42.17 10.92 23.01
N GLY A 466 -42.41 10.23 24.14
CA GLY A 466 -41.44 9.27 24.72
C GLY A 466 -41.08 8.00 23.91
N ILE A 467 -40.67 8.17 22.65
CA ILE A 467 -40.33 7.04 21.76
C ILE A 467 -38.88 6.69 21.95
N LYS A 468 -38.54 5.42 21.69
CA LYS A 468 -37.18 4.91 21.95
C LYS A 468 -36.45 4.58 20.65
N LEU A 469 -35.11 4.48 20.73
CA LEU A 469 -34.25 4.33 19.53
C LEU A 469 -33.33 3.09 19.57
N LEU A 470 -33.83 1.97 19.06
CA LEU A 470 -33.08 0.70 19.08
C LEU A 470 -31.96 0.65 18.04
N ASP A 471 -31.00 -0.26 18.24
CA ASP A 471 -29.94 -0.54 17.27
C ASP A 471 -30.52 -0.87 15.90
N SER A 472 -31.70 -1.47 15.88
CA SER A 472 -32.44 -1.76 14.66
C SER A 472 -32.98 -0.52 13.93
N ASP A 473 -33.12 0.59 14.66
CA ASP A 473 -33.41 1.87 14.03
C ASP A 473 -32.13 2.39 13.35
N GLN A 474 -31.07 2.46 14.14
CA GLN A 474 -29.82 3.09 13.72
C GLN A 474 -29.04 2.23 12.72
N GLU A 475 -29.53 1.02 12.46
CA GLU A 475 -29.01 0.19 11.38
C GLU A 475 -29.54 0.72 10.02
N LEU A 476 -30.76 1.23 10.02
CA LEU A 476 -31.33 1.81 8.80
C LEU A 476 -30.60 3.06 8.30
N TYR A 477 -29.89 3.74 9.19
CA TYR A 477 -29.09 4.90 8.83
C TYR A 477 -27.60 4.60 8.73
N ARG A 478 -27.24 3.33 8.81
CA ARG A 478 -25.85 2.91 8.70
C ARG A 478 -25.13 3.60 7.52
N ASN A 479 -25.80 3.73 6.37
CA ASN A 479 -25.16 4.28 5.17
C ASN A 479 -25.69 5.64 4.71
N PHE A 480 -26.20 6.40 5.65
CA PHE A 480 -26.60 7.76 5.40
C PHE A 480 -25.41 8.71 5.15
N PRO A 481 -24.36 8.63 5.98
CA PRO A 481 -23.15 9.46 5.77
C PRO A 481 -22.52 9.32 4.42
N LEU A 482 -22.36 10.45 3.74
CA LEU A 482 -21.43 10.57 2.67
C LEU A 482 -21.01 11.98 2.53
N THR A 483 -20.02 12.16 1.69
CA THR A 483 -19.54 13.44 1.25
C THR A 483 -19.59 13.39 -0.28
N ILE A 484 -20.08 14.43 -0.95
CA ILE A 484 -20.00 14.49 -2.40
C ILE A 484 -18.65 15.09 -2.72
N SER A 485 -17.76 14.25 -3.24
CA SER A 485 -16.37 14.65 -3.54
C SER A 485 -16.25 15.98 -4.29
N GLU A 486 -16.87 16.06 -5.45
CA GLU A 486 -16.90 17.29 -6.27
C GLU A 486 -17.40 18.55 -5.52
N ARG A 487 -18.38 18.40 -4.62
CA ARG A 487 -18.86 19.53 -3.87
C ARG A 487 -17.86 20.02 -2.89
N TRP A 488 -17.20 19.09 -2.23
CA TRP A 488 -16.10 19.38 -1.33
C TRP A 488 -14.89 19.98 -2.03
N GLN A 489 -14.55 19.46 -3.18
CA GLN A 489 -13.39 20.03 -3.86
C GLN A 489 -13.66 21.43 -4.31
N GLN A 490 -14.87 21.68 -4.81
CA GLN A 490 -15.26 23.03 -5.22
C GLN A 490 -15.34 23.96 -4.02
N GLU A 491 -15.85 23.47 -2.90
CA GLU A 491 -15.95 24.32 -1.77
C GLU A 491 -14.56 24.75 -1.40
N VAL A 492 -13.65 23.78 -1.43
CA VAL A 492 -12.27 24.02 -1.04
C VAL A 492 -11.58 24.87 -2.07
N ALA A 493 -11.85 24.58 -3.34
CA ALA A 493 -11.18 25.24 -4.44
C ALA A 493 -11.34 26.75 -4.34
N GLU A 494 -12.53 27.18 -3.96
CA GLU A 494 -12.91 28.60 -4.05
C GLU A 494 -12.69 29.28 -2.72
N THR A 495 -12.36 28.52 -1.69
CA THR A 495 -12.08 29.13 -0.40
C THR A 495 -10.60 29.06 -0.07
N VAL A 496 -10.17 27.97 0.56
CA VAL A 496 -8.88 27.93 1.22
C VAL A 496 -7.80 27.17 0.48
N PHE A 497 -8.01 26.79 -0.77
CA PHE A 497 -7.05 25.92 -1.41
C PHE A 497 -5.69 26.60 -1.65
N ASP A 498 -5.73 27.78 -2.25
CA ASP A 498 -4.53 28.56 -2.54
C ASP A 498 -3.80 28.87 -1.26
N THR A 499 -4.48 29.52 -0.31
CA THR A 499 -3.81 29.93 0.92
C THR A 499 -3.22 28.71 1.61
N ILE A 500 -3.94 27.59 1.63
CA ILE A 500 -3.52 26.42 2.38
C ILE A 500 -2.31 25.80 1.70
N ASN A 501 -2.32 25.78 0.37
CA ASN A 501 -1.15 25.33 -0.39
C ASN A 501 0.08 26.20 -0.15
N ALA A 502 -0.10 27.51 -0.12
CA ALA A 502 0.98 28.41 0.22
C ALA A 502 1.50 28.08 1.63
N GLU A 503 0.62 28.20 2.65
CA GLU A 503 1.00 27.88 4.03
C GLU A 503 1.73 26.56 4.15
N THR A 504 1.21 25.54 3.47
CA THR A 504 1.74 24.18 3.61
C THR A 504 3.04 24.00 2.83
N ASP A 505 3.12 24.61 1.65
CA ASP A 505 4.38 24.74 0.92
C ASP A 505 5.48 25.31 1.84
N ARG A 506 5.11 26.44 2.45
CA ARG A 506 5.95 27.20 3.35
C ARG A 506 6.35 26.38 4.59
N LEU A 507 5.43 25.57 5.10
CA LEU A 507 5.72 24.75 6.27
C LEU A 507 6.66 23.62 5.87
N GLU A 508 6.51 23.11 4.66
CA GLU A 508 7.39 22.09 4.15
C GLU A 508 8.83 22.60 3.93
N ALA A 509 8.96 23.80 3.37
CA ALA A 509 10.28 24.39 3.10
C ALA A 509 11.14 24.62 4.35
N ARG A 510 10.48 24.78 5.49
CA ARG A 510 11.16 24.90 6.79
C ARG A 510 11.62 23.56 7.33
N LYS A 511 10.78 22.52 7.24
CA LYS A 511 11.19 21.19 7.71
C LYS A 511 12.42 20.70 6.92
N LYS A 512 12.53 21.11 5.66
CA LYS A 512 13.70 20.79 4.84
C LYS A 512 14.90 21.71 5.15
N THR A 513 14.63 22.90 5.68
CA THR A 513 15.66 23.81 6.21
C THR A 513 16.30 23.23 7.49
N LYS A 514 15.47 22.73 8.41
CA LYS A 514 15.95 22.09 9.64
C LYS A 514 16.80 20.83 9.42
N ASN A 515 16.72 20.24 8.22
CA ASN A 515 17.31 18.93 7.95
C ASN A 515 18.67 18.92 7.24
N LYS A 516 18.99 20.02 6.56
CA LYS A 516 20.33 20.21 6.01
C LYS A 516 21.28 20.68 7.13
N GLN A 517 20.70 21.25 8.19
CA GLN A 517 21.47 21.77 9.30
C GLN A 517 21.61 20.74 10.43
N LEU A 518 20.51 20.11 10.84
CA LEU A 518 20.57 19.09 11.92
C LEU A 518 20.91 17.66 11.43
N GLY A 519 21.23 17.49 10.14
CA GLY A 519 21.78 16.24 9.61
C GLY A 519 20.88 15.00 9.54
N HIS A 520 19.58 15.21 9.38
CA HIS A 520 18.63 14.10 9.18
C HIS A 520 18.45 13.85 7.68
N GLU A 521 19.52 14.09 6.92
CA GLU A 521 19.49 14.08 5.46
C GLU A 521 19.02 12.75 4.86
N GLU A 522 19.84 11.70 4.95
CA GLU A 522 19.54 10.40 4.32
C GLU A 522 18.14 9.98 4.77
N ASP A 523 17.40 9.40 3.84
CA ASP A 523 16.03 9.02 4.11
C ASP A 523 16.09 7.53 4.32
N TYR A 524 15.87 7.12 5.56
CA TYR A 524 15.91 5.71 5.96
C TYR A 524 15.19 4.77 4.99
N ALA A 525 14.06 5.20 4.43
CA ALA A 525 13.21 4.33 3.64
C ALA A 525 13.68 4.09 2.22
N LEU A 526 14.84 4.60 1.81
CA LEU A 526 15.25 4.45 0.42
C LEU A 526 16.43 3.48 0.34
N GLY A 527 16.72 2.98 -0.87
CA GLY A 527 17.88 2.11 -1.09
C GLY A 527 17.77 0.73 -0.46
N LYS A 528 16.53 0.32 -0.23
CA LYS A 528 16.26 -0.96 0.39
C LYS A 528 14.96 -1.50 -0.20
N ASP A 529 14.18 -2.22 0.61
CA ASP A 529 12.96 -2.85 0.13
C ASP A 529 11.75 -2.46 1.00
N CYS A 530 11.74 -1.22 1.46
CA CYS A 530 10.69 -0.77 2.35
C CYS A 530 9.38 -0.81 1.59
N ILE A 531 8.34 -1.38 2.18
CA ILE A 531 7.13 -1.52 1.42
C ILE A 531 6.31 -0.23 1.55
N MET A 532 6.34 0.38 2.74
CA MET A 532 5.47 1.51 3.06
C MET A 532 5.94 2.09 4.37
N HIS A 533 5.70 3.36 4.55
CA HIS A 533 6.03 4.03 5.78
C HIS A 533 5.03 5.16 6.09
N GLY A 534 5.03 5.60 7.32
CA GLY A 534 4.07 6.57 7.78
C GLY A 534 3.91 6.60 9.27
N TYR A 535 3.24 7.63 9.74
CA TYR A 535 2.98 7.75 11.16
C TYR A 535 1.94 6.77 11.57
N MET A 536 2.14 6.09 12.67
CA MET A 536 1.04 5.48 13.38
C MET A 536 1.32 5.78 14.82
N SER A 537 0.42 5.39 15.72
CA SER A 537 0.65 5.55 17.13
C SER A 537 0.48 4.17 17.79
N LYS A 538 1.39 3.77 18.70
CA LYS A 538 1.22 2.53 19.48
C LYS A 538 1.08 2.80 20.95
N MET A 539 0.74 1.79 21.76
CA MET A 539 0.95 1.88 23.23
C MET A 539 2.38 1.52 23.46
N GLY A 540 3.12 2.41 24.12
CA GLY A 540 4.50 2.07 24.50
C GLY A 540 4.64 1.76 25.98
N ASN A 541 3.76 2.35 26.78
CA ASN A 541 3.60 2.01 28.18
C ASN A 541 2.64 0.80 28.18
N PRO A 542 3.13 -0.38 28.64
CA PRO A 542 2.23 -1.53 28.85
C PRO A 542 1.23 -1.33 30.00
N PHE A 543 1.71 -0.85 31.14
CA PHE A 543 0.88 -0.60 32.34
C PHE A 543 -0.01 0.62 32.21
N LEU A 544 0.26 1.49 31.25
CA LEU A 544 -0.36 2.81 31.24
C LEU A 544 -1.30 3.05 30.08
N THR A 545 -0.95 2.50 28.92
CA THR A 545 -1.77 2.62 27.73
C THR A 545 -2.08 4.09 27.38
N GLN A 546 -1.03 4.82 27.01
CA GLN A 546 -1.14 6.07 26.28
C GLN A 546 -0.64 5.78 24.85
N TRP A 547 -0.70 6.76 23.96
CA TRP A 547 -0.47 6.55 22.55
C TRP A 547 0.76 7.33 22.15
N GLN A 548 1.68 6.70 21.43
CA GLN A 548 2.90 7.37 21.08
C GLN A 548 2.98 7.46 19.59
N ARG A 549 3.13 8.64 19.07
CA ARG A 549 3.14 8.75 17.64
C ARG A 549 4.55 8.42 17.25
N ARG A 550 4.71 7.46 16.35
CA ARG A 550 6.00 7.09 15.80
C ARG A 550 5.91 6.96 14.29
N TYR A 551 7.06 7.05 13.64
CA TYR A 551 7.15 6.86 12.24
C TYR A 551 7.50 5.40 11.95
N PHE A 552 6.64 4.69 11.22
CA PHE A 552 6.83 3.27 10.96
C PHE A 552 7.33 3.03 9.58
N TYR A 553 8.03 1.92 9.43
CA TYR A 553 8.51 1.51 8.13
C TYR A 553 8.23 0.03 8.06
N LEU A 554 7.54 -0.42 7.03
CA LEU A 554 7.23 -1.83 6.91
C LEU A 554 8.15 -2.38 5.83
N PHE A 555 8.81 -3.48 6.17
CA PHE A 555 9.67 -4.22 5.29
C PHE A 555 9.00 -5.56 5.15
N PRO A 556 9.42 -6.38 4.19
CA PRO A 556 8.75 -7.62 4.05
C PRO A 556 8.92 -8.55 5.22
N ASN A 557 9.93 -8.38 6.06
CA ASN A 557 10.08 -9.34 7.17
C ASN A 557 9.85 -8.74 8.54
N ARG A 558 9.56 -7.44 8.59
CA ARG A 558 9.42 -6.73 9.85
C ARG A 558 8.78 -5.36 9.70
N LEU A 559 8.20 -4.90 10.81
CA LEU A 559 7.69 -3.56 11.00
C LEU A 559 8.58 -2.83 12.01
N GLU A 560 9.33 -1.88 11.52
CA GLU A 560 10.16 -1.06 12.37
C GLU A 560 9.46 0.25 12.62
N TRP A 561 9.80 0.87 13.74
CA TRP A 561 9.42 2.26 13.99
C TRP A 561 10.54 3.02 14.66
N ARG A 562 10.48 4.33 14.59
CA ARG A 562 11.43 5.19 15.29
C ARG A 562 10.71 6.39 15.88
N GLY A 563 11.25 6.94 16.97
CA GLY A 563 10.85 8.25 17.45
C GLY A 563 11.43 9.30 16.53
N GLU A 564 11.40 10.55 16.94
CA GLU A 564 11.97 11.62 16.12
C GLU A 564 13.47 11.72 16.44
N GLY A 565 14.27 12.07 15.45
CA GLY A 565 15.72 12.20 15.65
C GLY A 565 16.54 10.91 15.50
N GLU A 566 16.26 9.89 16.33
CA GLU A 566 17.02 8.64 16.29
C GLU A 566 16.48 7.61 15.26
N ALA A 567 17.33 6.68 14.86
CA ALA A 567 16.96 5.59 13.97
C ALA A 567 16.13 4.51 14.71
N PRO A 568 15.53 3.58 13.95
CA PRO A 568 14.62 2.61 14.60
C PRO A 568 15.31 1.66 15.53
N GLN A 569 14.78 1.51 16.73
CA GLN A 569 15.40 0.74 17.79
C GLN A 569 14.46 -0.32 18.34
N SER A 570 13.34 -0.51 17.67
CA SER A 570 12.40 -1.57 18.02
C SER A 570 11.74 -1.98 16.74
N LEU A 571 11.08 -3.15 16.79
CA LEU A 571 10.42 -3.72 15.64
C LEU A 571 9.57 -4.91 15.99
N LEU A 572 8.71 -5.32 15.04
CA LEU A 572 8.09 -6.64 15.04
C LEU A 572 8.43 -7.29 13.76
N THR A 573 8.46 -8.60 13.75
CA THR A 573 8.76 -9.36 12.58
C THR A 573 7.46 -9.89 12.02
N MET A 574 7.38 -9.99 10.71
CA MET A 574 6.20 -10.57 10.11
C MET A 574 5.97 -11.97 10.63
N GLU A 575 7.02 -12.66 11.13
CA GLU A 575 6.86 -14.00 11.75
C GLU A 575 6.11 -13.98 13.09
N GLU A 576 6.47 -13.03 13.96
CA GLU A 576 5.79 -12.77 15.24
C GLU A 576 4.30 -12.55 15.10
N ILE A 577 3.85 -11.97 13.97
CA ILE A 577 2.44 -11.56 13.84
C ILE A 577 1.51 -12.70 13.43
N GLN A 578 0.51 -13.01 14.26
CA GLN A 578 -0.41 -14.12 13.95
C GLN A 578 -1.69 -13.66 13.26
N SER A 579 -2.11 -12.42 13.50
CA SER A 579 -3.34 -11.90 12.89
C SER A 579 -3.36 -10.38 12.99
N VAL A 580 -4.09 -9.75 12.06
CA VAL A 580 -4.33 -8.31 12.12
C VAL A 580 -5.83 -8.04 11.98
N GLU A 581 -6.41 -7.35 12.95
CA GLU A 581 -7.87 -7.20 12.98
C GLU A 581 -8.25 -5.83 13.53
N GLU A 582 -9.46 -5.38 13.20
CA GLU A 582 -9.93 -4.09 13.67
C GLU A 582 -10.38 -4.24 15.10
N THR A 583 -10.28 -3.15 15.82
CA THR A 583 -10.70 -3.15 17.22
C THR A 583 -11.04 -1.73 17.65
N GLN A 584 -11.91 -1.63 18.65
CA GLN A 584 -12.40 -0.36 19.16
C GLN A 584 -11.66 0.01 20.43
N ILE A 585 -10.96 1.14 20.43
CA ILE A 585 -10.19 1.58 21.61
C ILE A 585 -10.29 3.09 21.82
N LYS A 586 -10.83 3.46 22.97
CA LYS A 586 -11.34 4.82 23.24
C LYS A 586 -12.39 5.19 22.18
N GLU A 587 -13.27 4.21 21.88
CA GLU A 587 -14.20 4.33 20.77
C GLU A 587 -13.50 5.01 19.56
N ARG A 588 -12.34 4.44 19.22
CA ARG A 588 -11.65 4.70 17.97
C ARG A 588 -11.24 3.32 17.37
N LYS A 589 -11.60 3.10 16.11
CA LYS A 589 -11.12 1.97 15.28
C LYS A 589 -9.58 1.92 15.19
N CYS A 590 -9.04 0.84 15.73
CA CYS A 590 -7.61 0.64 15.74
C CYS A 590 -7.31 -0.70 15.16
N LEU A 591 -6.04 -0.94 14.88
CA LEU A 591 -5.62 -2.27 14.48
C LEU A 591 -5.07 -3.04 15.66
N LEU A 592 -5.55 -4.25 15.83
CA LEU A 592 -5.03 -5.16 16.83
C LEU A 592 -4.17 -6.26 16.20
N LEU A 593 -2.88 -6.26 16.52
CA LEU A 593 -1.96 -7.36 16.10
C LEU A 593 -1.76 -8.38 17.22
N LYS A 594 -2.28 -9.59 17.05
CA LYS A 594 -1.87 -10.70 17.91
C LYS A 594 -0.46 -11.20 17.52
N ILE A 595 0.34 -11.55 18.52
CA ILE A 595 1.75 -11.96 18.40
C ILE A 595 2.02 -13.35 19.01
N ARG A 596 3.07 -14.02 18.51
CA ARG A 596 3.64 -15.27 19.06
C ARG A 596 3.33 -15.63 20.50
N GLY A 597 3.81 -14.84 21.44
CA GLY A 597 3.69 -15.26 22.86
C GLY A 597 2.28 -15.34 23.49
N GLY A 598 1.23 -15.11 22.69
CA GLY A 598 -0.08 -14.74 23.21
C GLY A 598 -0.03 -13.25 23.57
N LYS A 599 0.91 -12.54 22.96
CA LYS A 599 1.14 -11.11 23.18
C LYS A 599 0.19 -10.32 22.25
N GLN A 600 0.27 -8.98 22.29
CA GLN A 600 -0.65 -8.11 21.54
C GLN A 600 -0.06 -6.75 21.25
N PHE A 601 -0.41 -6.20 20.10
CA PHE A 601 0.14 -4.94 19.70
C PHE A 601 -0.90 -4.10 19.00
N VAL A 602 -1.08 -2.88 19.48
CA VAL A 602 -2.19 -2.07 19.07
C VAL A 602 -1.69 -0.85 18.35
N LEU A 603 -2.33 -0.55 17.23
CA LEU A 603 -1.96 0.59 16.41
C LEU A 603 -3.13 1.52 16.14
N GLN A 604 -2.88 2.81 16.20
CA GLN A 604 -3.88 3.77 15.78
C GLN A 604 -3.33 4.49 14.59
N CYS A 605 -4.12 4.57 13.54
CA CYS A 605 -3.78 5.38 12.37
C CYS A 605 -4.51 6.71 12.41
N ASP A 606 -3.88 7.70 11.78
CA ASP A 606 -4.32 9.07 11.73
C ASP A 606 -5.50 9.34 10.78
N SER A 607 -5.82 8.39 9.89
CA SER A 607 -6.98 8.58 9.03
C SER A 607 -7.49 7.26 8.48
N ASP A 608 -8.76 7.21 8.12
CA ASP A 608 -9.35 5.99 7.56
C ASP A 608 -8.53 5.35 6.47
N PRO A 609 -8.08 6.12 5.46
CA PRO A 609 -7.35 5.43 4.41
C PRO A 609 -6.08 4.78 4.94
N GLU A 610 -5.42 5.44 5.90
CA GLU A 610 -4.23 4.86 6.54
C GLU A 610 -4.63 3.60 7.30
N LEU A 611 -5.70 3.63 8.06
CA LEU A 611 -6.19 2.40 8.66
C LEU A 611 -6.37 1.26 7.64
N VAL A 612 -7.07 1.53 6.56
CA VAL A 612 -7.37 0.54 5.58
C VAL A 612 -6.11 -0.09 4.95
N GLN A 613 -5.11 0.76 4.75
CA GLN A 613 -3.92 0.41 4.00
C GLN A 613 -2.95 -0.32 4.90
N TRP A 614 -2.81 0.13 6.13
CA TRP A 614 -1.97 -0.61 7.05
C TRP A 614 -2.55 -1.98 7.35
N LYS A 615 -3.88 -2.10 7.41
CA LYS A 615 -4.51 -3.41 7.63
C LYS A 615 -4.18 -4.33 6.48
N LYS A 616 -4.23 -3.79 5.27
CA LYS A 616 -4.11 -4.63 4.12
C LYS A 616 -2.65 -5.02 3.99
N GLU A 617 -1.75 -4.07 4.18
CA GLU A 617 -0.36 -4.35 3.90
C GLU A 617 0.24 -5.24 4.98
N LEU A 618 -0.04 -4.94 6.25
CA LEU A 618 0.41 -5.79 7.32
C LEU A 618 -0.05 -7.19 7.07
N ARG A 619 -1.32 -7.37 6.79
CA ARG A 619 -1.85 -8.71 6.54
C ARG A 619 -1.12 -9.34 5.41
N ASP A 620 -1.01 -8.63 4.30
CA ASP A 620 -0.31 -9.14 3.14
C ASP A 620 1.12 -9.52 3.45
N ALA A 621 1.80 -8.71 4.26
CA ALA A 621 3.22 -8.88 4.47
C ALA A 621 3.51 -10.05 5.43
N TYR A 622 2.67 -10.20 6.45
CA TYR A 622 2.84 -11.25 7.37
C TYR A 622 2.50 -12.58 6.72
N ARG A 623 1.45 -12.61 5.90
CA ARG A 623 1.17 -13.85 5.14
C ARG A 623 2.34 -14.29 4.27
N GLU A 624 2.78 -13.40 3.38
CA GLU A 624 3.91 -13.71 2.50
C GLU A 624 5.18 -14.07 3.23
N ALA A 625 5.49 -13.33 4.29
CA ALA A 625 6.68 -13.63 5.03
C ALA A 625 6.59 -15.03 5.65
N GLN A 626 5.45 -15.39 6.23
CA GLN A 626 5.30 -16.73 6.80
C GLN A 626 5.35 -17.82 5.75
N GLN A 627 4.66 -17.62 4.65
CA GLN A 627 4.75 -18.49 3.49
C GLN A 627 6.21 -18.79 3.16
N LEU A 628 6.97 -17.71 3.04
CA LEU A 628 8.33 -17.69 2.51
C LEU A 628 9.35 -18.35 3.45
N VAL A 629 9.35 -17.90 4.69
CA VAL A 629 10.16 -18.42 5.74
C VAL A 629 9.99 -19.92 5.89
N GLN A 630 8.76 -20.42 5.72
CA GLN A 630 8.50 -21.85 5.83
C GLN A 630 9.22 -22.69 4.77
N ARG A 631 9.37 -22.18 3.56
CA ARG A 631 10.23 -22.79 2.53
C ARG A 631 11.75 -22.67 2.76
N VAL A 632 12.20 -22.16 3.90
CA VAL A 632 13.61 -21.86 4.11
C VAL A 632 14.16 -22.52 5.36
N PRO A 633 14.90 -23.63 5.20
CA PRO A 633 15.30 -24.36 6.38
C PRO A 633 16.08 -23.56 7.42
N LYS A 634 16.90 -22.59 7.04
CA LYS A 634 17.70 -21.87 8.07
C LYS A 634 16.81 -20.89 8.87
N MET A 635 15.75 -20.41 8.26
CA MET A 635 14.93 -19.34 8.86
C MET A 635 13.76 -19.82 9.64
N LYS A 636 13.15 -20.91 9.21
CA LYS A 636 11.94 -21.40 9.89
C LYS A 636 12.13 -21.99 11.29
N ASN A 637 11.00 -22.24 11.93
CA ASN A 637 11.00 -22.90 13.21
C ASN A 637 11.20 -24.37 13.05
N LYS A 638 11.93 -24.98 13.97
CA LYS A 638 12.11 -26.46 14.01
C LYS A 638 11.49 -27.01 15.28
N PRO A 639 10.88 -28.22 15.21
CA PRO A 639 10.07 -28.66 16.36
C PRO A 639 10.89 -29.15 17.60
N SER B 1 17.39 -51.97 -20.72
CA SER B 1 17.24 -50.50 -20.88
C SER B 1 18.46 -49.72 -20.36
N GLU B 2 19.03 -48.89 -21.24
CA GLU B 2 20.17 -48.00 -20.94
C GLU B 2 19.99 -47.29 -19.59
N LEU B 3 18.83 -46.67 -19.38
CA LEU B 3 18.54 -46.01 -18.09
C LEU B 3 18.54 -46.98 -16.87
N ASP B 4 17.99 -48.17 -17.05
CA ASP B 4 17.95 -49.17 -15.99
C ASP B 4 19.34 -49.64 -15.70
N GLN B 5 20.12 -49.88 -16.76
CA GLN B 5 21.52 -50.29 -16.61
C GLN B 5 22.36 -49.30 -15.83
N LEU B 6 22.24 -48.02 -16.17
CA LEU B 6 22.93 -46.95 -15.47
C LEU B 6 22.50 -46.84 -14.00
N ARG B 7 21.26 -47.22 -13.73
CA ARG B 7 20.75 -47.20 -12.37
C ARG B 7 21.30 -48.33 -11.51
N GLN B 8 21.35 -49.54 -12.05
CA GLN B 8 21.97 -50.65 -11.31
C GLN B 8 23.45 -50.38 -11.15
N GLU B 9 24.08 -49.88 -12.20
CA GLU B 9 25.52 -49.60 -12.17
C GLU B 9 25.83 -48.58 -11.09
N ALA B 10 24.92 -47.64 -10.86
CA ALA B 10 25.13 -46.67 -9.77
C ALA B 10 25.05 -47.37 -8.43
N GLU B 11 24.11 -48.29 -8.29
CA GLU B 11 24.00 -49.11 -7.08
C GLU B 11 25.26 -49.91 -6.84
N GLN B 12 25.67 -50.70 -7.83
CA GLN B 12 26.91 -51.46 -7.74
C GLN B 12 28.05 -50.54 -7.27
N LEU B 13 28.16 -49.37 -7.87
CA LEU B 13 29.21 -48.44 -7.48
C LEU B 13 29.06 -47.91 -6.04
N LYS B 14 27.83 -47.69 -5.58
CA LYS B 14 27.60 -47.30 -4.20
C LYS B 14 28.06 -48.41 -3.29
N ASN B 15 27.79 -49.63 -3.71
CA ASN B 15 28.23 -50.79 -2.97
C ASN B 15 29.74 -50.90 -3.05
N GLN B 16 30.33 -50.72 -4.22
CA GLN B 16 31.78 -50.82 -4.33
C GLN B 16 32.45 -49.84 -3.37
N ILE B 17 31.88 -48.64 -3.32
CA ILE B 17 32.35 -47.57 -2.44
C ILE B 17 32.22 -47.90 -0.95
N ARG B 18 31.06 -48.41 -0.58
CA ARG B 18 30.78 -48.84 0.78
C ARG B 18 31.83 -49.89 1.21
N ASP B 19 32.07 -50.88 0.38
CA ASP B 19 33.03 -51.93 0.72
C ASP B 19 34.47 -51.44 0.78
N ALA B 20 34.80 -50.43 0.00
CA ALA B 20 36.16 -49.95 0.00
C ALA B 20 36.40 -49.20 1.30
N ARG B 21 35.36 -48.52 1.74
CA ARG B 21 35.38 -47.86 3.00
C ARG B 21 35.45 -48.84 4.16
N LYS B 22 34.67 -49.91 4.11
CA LYS B 22 34.69 -50.90 5.15
C LYS B 22 36.04 -51.64 5.18
N ALA B 23 36.75 -51.73 4.06
CA ALA B 23 38.05 -52.38 4.03
C ALA B 23 39.08 -51.52 4.74
N CYS B 24 38.76 -50.24 4.87
CA CYS B 24 39.62 -49.30 5.55
C CYS B 24 39.30 -49.18 7.02
N ALA B 25 38.20 -49.77 7.46
CA ALA B 25 37.73 -49.49 8.82
C ALA B 25 38.38 -50.50 9.77
N ASP B 26 39.69 -50.39 9.90
CA ASP B 26 40.45 -51.37 10.67
C ASP B 26 40.37 -51.10 12.15
N ALA B 27 40.06 -49.85 12.48
CA ALA B 27 39.92 -49.37 13.86
C ALA B 27 39.13 -48.04 13.90
N THR B 28 38.83 -47.54 15.08
CA THR B 28 38.10 -46.35 15.19
C THR B 28 38.97 -45.27 15.76
N LEU B 29 38.54 -44.03 15.57
CA LEU B 29 39.23 -42.87 16.06
C LEU B 29 39.24 -42.96 17.56
N SER B 30 38.13 -43.50 18.04
CA SER B 30 37.85 -43.53 19.45
C SER B 30 38.72 -44.59 20.16
N GLN B 31 38.84 -45.78 19.57
CA GLN B 31 39.90 -46.70 19.95
C GLN B 31 41.28 -46.00 19.91
N ILE B 32 41.64 -45.43 18.78
CA ILE B 32 42.98 -44.84 18.63
C ILE B 32 43.33 -43.75 19.62
N THR B 33 42.31 -43.04 20.11
CA THR B 33 42.54 -41.91 20.98
C THR B 33 42.25 -42.31 22.40
N ASN B 34 42.00 -43.59 22.58
CA ASN B 34 41.54 -44.13 23.84
C ASN B 34 42.43 -43.84 25.05
N ASN B 35 43.71 -43.64 24.85
CA ASN B 35 44.59 -43.38 25.99
C ASN B 35 45.19 -41.98 26.05
N ILE B 36 44.75 -41.06 25.20
CA ILE B 36 45.15 -39.68 25.44
C ILE B 36 44.23 -39.14 26.52
N ASP B 37 44.69 -38.11 27.22
CA ASP B 37 43.94 -37.60 28.35
C ASP B 37 42.74 -36.81 27.90
N PRO B 38 41.65 -36.85 28.70
CA PRO B 38 40.58 -35.91 28.42
C PRO B 38 41.11 -34.48 28.51
N VAL B 39 40.22 -33.54 28.28
CA VAL B 39 40.61 -32.17 28.09
C VAL B 39 40.28 -31.38 29.34
N GLY B 40 39.44 -31.97 30.19
CA GLY B 40 39.08 -31.38 31.45
C GLY B 40 37.91 -30.43 31.30
N ARG B 41 37.65 -29.67 32.34
CA ARG B 41 36.66 -28.61 32.26
C ARG B 41 37.12 -27.59 31.20
N ILE B 42 36.33 -27.46 30.15
CA ILE B 42 36.45 -26.34 29.22
C ILE B 42 35.40 -25.33 29.63
N GLN B 43 35.87 -24.38 30.42
CA GLN B 43 35.07 -23.48 31.16
C GLN B 43 35.26 -22.17 30.44
N MET B 44 34.31 -21.85 29.57
CA MET B 44 34.38 -20.61 28.81
C MET B 44 33.32 -19.67 29.33
N ARG B 45 33.59 -18.38 29.19
CA ARG B 45 32.67 -17.39 29.69
C ARG B 45 32.57 -16.21 28.74
N THR B 46 31.40 -15.57 28.74
CA THR B 46 31.18 -14.39 27.90
C THR B 46 32.09 -13.25 28.28
N ARG B 47 32.94 -12.79 27.37
CA ARG B 47 33.74 -11.60 27.58
C ARG B 47 33.05 -10.37 26.98
N ARG B 48 32.26 -10.58 25.95
CA ARG B 48 31.61 -9.49 25.28
C ARG B 48 30.22 -9.92 24.88
N THR B 49 29.29 -8.99 24.93
CA THR B 49 28.01 -9.19 24.29
C THR B 49 27.91 -8.09 23.25
N LEU B 50 27.48 -8.44 22.05
CA LEU B 50 27.42 -7.48 21.02
C LEU B 50 25.94 -7.25 20.75
N ARG B 51 25.51 -6.05 21.15
CA ARG B 51 24.09 -5.68 21.22
C ARG B 51 23.90 -4.61 20.17
N GLY B 52 22.83 -4.74 19.36
CA GLY B 52 22.64 -3.81 18.26
C GLY B 52 21.73 -4.32 17.17
N HIS B 53 21.90 -5.56 16.76
CA HIS B 53 20.91 -6.10 15.90
C HIS B 53 19.59 -6.03 16.62
N LEU B 54 18.57 -5.62 15.85
CA LEU B 54 17.19 -5.40 16.27
C LEU B 54 16.30 -6.62 16.05
N ALA B 55 16.92 -7.73 15.69
CA ALA B 55 16.18 -8.92 15.38
C ALA B 55 17.17 -10.11 15.26
N LYS B 56 16.66 -11.26 14.84
CA LYS B 56 17.41 -12.50 14.82
C LYS B 56 18.69 -12.28 14.09
N ILE B 57 19.74 -12.96 14.54
CA ILE B 57 20.97 -13.01 13.81
C ILE B 57 21.09 -14.36 13.17
N TYR B 58 21.55 -14.37 11.92
CA TYR B 58 21.58 -15.55 11.10
C TYR B 58 23.00 -16.10 10.85
N ALA B 59 24.02 -15.26 10.92
CA ALA B 59 25.34 -15.65 10.50
C ALA B 59 26.38 -14.65 10.91
N MET B 60 27.61 -15.14 11.05
CA MET B 60 28.77 -14.28 11.30
C MET B 60 30.08 -14.86 10.85
N HIS B 61 31.07 -13.99 10.78
CA HIS B 61 32.37 -14.36 10.33
C HIS B 61 33.40 -13.47 10.90
N TRP B 62 34.50 -14.08 11.36
CA TRP B 62 35.62 -13.31 11.83
C TRP B 62 36.51 -12.92 10.68
N GLY B 63 36.91 -11.66 10.68
CA GLY B 63 38.12 -11.24 9.98
C GLY B 63 39.33 -12.01 10.50
N THR B 64 40.30 -12.13 9.62
CA THR B 64 41.52 -12.86 9.91
C THR B 64 42.34 -12.18 10.97
N ASP B 65 42.14 -10.88 11.17
CA ASP B 65 42.83 -10.20 12.27
C ASP B 65 42.37 -10.71 13.64
N SER B 66 41.50 -11.73 13.66
CA SER B 66 41.04 -12.28 14.91
C SER B 66 40.38 -11.20 15.75
N ARG B 67 40.09 -10.06 15.12
CA ARG B 67 39.59 -8.85 15.81
C ARG B 67 38.18 -8.38 15.32
N LEU B 68 38.05 -8.07 14.02
CA LEU B 68 36.78 -7.58 13.51
C LEU B 68 35.96 -8.78 13.11
N LEU B 69 34.65 -8.61 13.14
CA LEU B 69 33.79 -9.61 12.59
C LEU B 69 32.59 -8.98 11.92
N VAL B 70 31.96 -9.72 11.01
CA VAL B 70 30.74 -9.24 10.38
C VAL B 70 29.64 -10.11 10.91
N SER B 71 28.44 -9.55 11.03
CA SER B 71 27.27 -10.35 11.37
C SER B 71 26.08 -9.93 10.53
N ALA B 72 25.20 -10.89 10.24
CA ALA B 72 24.05 -10.71 9.34
C ALA B 72 22.79 -11.06 10.08
N SER B 73 21.74 -10.25 9.86
CA SER B 73 20.55 -10.30 10.72
C SER B 73 19.22 -10.11 10.02
N GLN B 74 18.18 -10.60 10.69
CA GLN B 74 16.80 -10.40 10.28
C GLN B 74 16.45 -8.93 10.12
N ASP B 75 17.21 -8.02 10.74
CA ASP B 75 16.97 -6.59 10.60
C ASP B 75 17.44 -5.97 9.30
N GLY B 76 18.01 -6.78 8.42
CA GLY B 76 18.42 -6.29 7.12
C GLY B 76 19.69 -5.46 7.12
N LYS B 77 20.49 -5.60 8.19
CA LYS B 77 21.84 -5.05 8.18
C LYS B 77 22.98 -6.06 8.41
N LEU B 78 24.12 -5.78 7.81
CA LEU B 78 25.39 -6.30 8.28
C LEU B 78 25.96 -5.32 9.28
N ILE B 79 26.36 -5.81 10.43
CA ILE B 79 27.18 -5.00 11.31
C ILE B 79 28.60 -5.51 11.30
N ILE B 80 29.56 -4.66 11.03
CA ILE B 80 30.95 -5.05 11.20
C ILE B 80 31.42 -4.61 12.56
N TRP B 81 31.82 -5.55 13.42
CA TRP B 81 32.20 -5.19 14.80
C TRP B 81 33.70 -5.30 15.06
N ASP B 82 34.14 -4.51 16.03
CA ASP B 82 35.46 -4.60 16.64
C ASP B 82 35.15 -5.20 18.00
N SER B 83 35.40 -6.49 18.13
CA SER B 83 35.09 -7.26 19.36
C SER B 83 35.94 -6.87 20.58
N TYR B 84 37.09 -6.26 20.31
CA TYR B 84 37.96 -5.72 21.37
C TYR B 84 37.25 -4.61 22.13
N THR B 85 36.52 -3.73 21.43
CA THR B 85 35.86 -2.56 22.02
C THR B 85 34.30 -2.58 22.04
N THR B 86 33.72 -3.53 21.29
CA THR B 86 32.27 -3.62 21.01
C THR B 86 31.77 -2.47 20.12
N ASN B 87 32.71 -1.73 19.54
CA ASN B 87 32.36 -0.63 18.67
C ASN B 87 32.01 -1.10 17.29
N LYS B 88 30.89 -0.59 16.80
CA LYS B 88 30.43 -0.90 15.47
C LYS B 88 31.28 -0.14 14.50
N VAL B 89 32.09 -0.82 13.73
CA VAL B 89 32.95 -0.11 12.81
C VAL B 89 32.10 0.40 11.64
N HIS B 90 31.15 -0.45 11.22
CA HIS B 90 30.25 -0.18 10.12
C HIS B 90 28.92 -0.84 10.41
N ALA B 91 27.85 -0.20 9.99
CA ALA B 91 26.54 -0.83 10.03
C ALA B 91 26.01 -0.64 8.64
N ILE B 92 25.63 -1.72 7.98
CA ILE B 92 25.39 -1.63 6.57
C ILE B 92 23.94 -1.95 6.31
N PRO B 93 23.16 -0.93 5.92
CA PRO B 93 21.79 -1.25 5.58
C PRO B 93 21.78 -1.97 4.25
N LEU B 94 21.16 -3.14 4.22
CA LEU B 94 21.16 -3.92 3.00
C LEU B 94 20.01 -3.56 2.11
N ARG B 95 20.10 -3.98 0.86
CA ARG B 95 19.03 -3.71 -0.09
C ARG B 95 17.88 -4.67 0.09
N SER B 96 18.20 -5.87 0.59
CA SER B 96 17.17 -6.90 0.78
C SER B 96 17.15 -7.17 2.25
N SER B 97 15.95 -7.23 2.80
CA SER B 97 15.76 -7.54 4.19
C SER B 97 16.10 -9.02 4.49
N TRP B 98 16.18 -9.87 3.45
CA TRP B 98 16.15 -11.32 3.69
C TRP B 98 17.52 -12.03 3.70
N VAL B 99 18.51 -11.28 4.16
CA VAL B 99 19.87 -11.74 4.31
C VAL B 99 19.91 -12.95 5.26
N MET B 100 20.83 -13.87 5.00
CA MET B 100 20.99 -14.98 5.88
C MET B 100 22.40 -15.51 5.99
N THR B 101 23.33 -14.97 5.21
CA THR B 101 24.73 -15.35 5.35
C THR B 101 25.62 -14.14 5.17
N CYS B 102 26.88 -14.29 5.57
CA CYS B 102 27.87 -13.24 5.36
C CYS B 102 29.25 -13.75 5.62
N ALA B 103 30.23 -12.98 5.14
CA ALA B 103 31.63 -13.39 5.11
C ALA B 103 32.55 -12.21 5.10
N TYR B 104 33.62 -12.34 5.88
CA TYR B 104 34.69 -11.37 5.92
C TYR B 104 35.75 -11.86 4.97
N ALA B 105 36.10 -11.01 4.01
CA ALA B 105 37.22 -11.28 3.12
C ALA B 105 38.53 -11.37 3.92
N PRO B 106 39.40 -12.35 3.62
CA PRO B 106 40.67 -12.47 4.36
C PRO B 106 41.40 -11.15 4.51
N SER B 107 41.55 -10.43 3.40
CA SER B 107 42.19 -9.12 3.40
C SER B 107 41.59 -8.10 4.34
N GLY B 108 40.34 -8.28 4.77
CA GLY B 108 39.67 -7.28 5.61
C GLY B 108 39.02 -6.13 4.81
N ASN B 109 39.19 -6.14 3.49
CA ASN B 109 38.73 -5.04 2.62
C ASN B 109 37.27 -5.10 2.20
N TYR B 110 36.72 -6.29 2.27
CA TYR B 110 35.41 -6.57 1.74
C TYR B 110 34.67 -7.50 2.66
N VAL B 111 33.37 -7.31 2.74
CA VAL B 111 32.49 -8.35 3.22
C VAL B 111 31.45 -8.67 2.16
N ALA B 112 30.81 -9.80 2.38
CA ALA B 112 29.82 -10.30 1.48
C ALA B 112 28.70 -10.79 2.31
N CYS B 113 27.52 -10.82 1.71
CA CYS B 113 26.35 -11.38 2.36
C CYS B 113 25.33 -11.54 1.31
N GLY B 114 24.22 -12.15 1.67
CA GLY B 114 23.07 -12.31 0.77
C GLY B 114 22.04 -13.22 1.40
N GLY B 115 21.01 -13.57 0.64
CA GLY B 115 20.00 -14.47 1.18
C GLY B 115 18.89 -14.71 0.19
N LEU B 116 17.67 -14.42 0.58
CA LEU B 116 16.51 -14.75 -0.23
C LEU B 116 16.39 -13.94 -1.49
N ASP B 117 17.18 -12.88 -1.61
CA ASP B 117 17.38 -12.23 -2.88
C ASP B 117 18.22 -13.00 -3.87
N ASN B 118 18.75 -14.14 -3.46
CA ASN B 118 19.46 -14.97 -4.44
C ASN B 118 20.77 -14.34 -5.00
N ILE B 119 21.34 -13.39 -4.29
CA ILE B 119 22.48 -12.64 -4.79
C ILE B 119 23.55 -12.67 -3.73
N CYS B 120 24.81 -12.59 -4.14
CA CYS B 120 25.92 -12.44 -3.19
C CYS B 120 26.43 -11.04 -3.38
N SER B 121 26.25 -10.19 -2.38
CA SER B 121 26.54 -8.79 -2.53
C SER B 121 27.87 -8.55 -1.87
N ILE B 122 28.75 -7.91 -2.60
CA ILE B 122 30.07 -7.62 -2.13
C ILE B 122 30.09 -6.17 -1.77
N TYR B 123 30.27 -5.87 -0.47
CA TYR B 123 30.45 -4.50 -0.02
C TYR B 123 31.94 -4.24 0.09
N ASN B 124 32.37 -3.04 -0.30
CA ASN B 124 33.76 -2.58 -0.12
C ASN B 124 33.86 -1.70 1.10
N LEU B 125 34.80 -2.01 1.98
CA LEU B 125 34.90 -1.32 3.23
C LEU B 125 35.79 -0.07 3.12
N LYS B 126 36.96 -0.24 2.53
CA LYS B 126 37.93 0.87 2.40
C LYS B 126 37.87 1.46 1.00
N THR B 127 36.88 2.33 0.77
CA THR B 127 36.86 3.13 -0.46
C THR B 127 37.79 4.31 -0.26
N ARG B 128 38.27 4.91 -1.36
CA ARG B 128 39.15 6.09 -1.27
C ARG B 128 38.39 7.34 -0.79
N GLU B 129 37.07 7.32 -0.90
CA GLU B 129 36.23 8.44 -0.46
C GLU B 129 35.68 8.23 0.96
N GLY B 130 36.05 7.13 1.60
CA GLY B 130 35.69 6.84 2.99
C GLY B 130 34.23 6.45 3.21
N ASN B 131 33.70 5.58 2.34
CA ASN B 131 32.27 5.23 2.33
C ASN B 131 32.04 3.77 1.97
N VAL B 132 30.90 3.22 2.38
CA VAL B 132 30.69 1.78 2.29
C VAL B 132 29.67 1.46 1.23
N ARG B 133 30.14 1.07 0.07
CA ARG B 133 29.23 0.83 -1.02
C ARG B 133 29.29 -0.60 -1.48
N VAL B 134 28.16 -1.02 -2.04
CA VAL B 134 28.09 -2.27 -2.77
C VAL B 134 29.00 -2.14 -3.95
N SER B 135 30.03 -2.99 -4.03
CA SER B 135 30.84 -2.99 -5.23
C SER B 135 30.34 -4.03 -6.24
N ARG B 136 29.76 -5.13 -5.79
CA ARG B 136 29.25 -6.13 -6.75
C ARG B 136 28.01 -6.82 -6.25
N GLU B 137 27.10 -7.13 -7.18
CA GLU B 137 25.92 -7.92 -6.92
C GLU B 137 26.06 -9.12 -7.83
N LEU B 138 26.52 -10.20 -7.25
CA LEU B 138 26.80 -11.42 -7.96
C LEU B 138 25.51 -12.19 -8.11
N ALA B 139 25.04 -12.28 -9.34
CA ALA B 139 23.71 -12.81 -9.56
C ALA B 139 23.86 -13.98 -10.47
N GLY B 140 23.01 -14.99 -10.30
CA GLY B 140 23.09 -16.23 -11.06
C GLY B 140 22.47 -17.40 -10.35
N HIS B 141 22.57 -17.44 -9.03
CA HIS B 141 21.83 -18.43 -8.32
C HIS B 141 20.35 -18.25 -8.60
N THR B 142 19.64 -19.37 -8.59
CA THR B 142 18.20 -19.35 -8.76
C THR B 142 17.54 -19.73 -7.46
N GLY B 143 18.30 -19.61 -6.38
CA GLY B 143 17.84 -19.94 -5.06
C GLY B 143 18.58 -19.09 -4.08
N TYR B 144 18.09 -19.04 -2.86
CA TYR B 144 18.74 -18.22 -1.84
C TYR B 144 20.20 -18.55 -1.69
N LEU B 145 20.98 -17.53 -1.38
CA LEU B 145 22.37 -17.72 -1.01
C LEU B 145 22.35 -18.20 0.41
N SER B 146 23.00 -19.29 0.72
CA SER B 146 22.99 -19.82 2.05
C SER B 146 24.32 -19.60 2.75
N CYS B 147 25.39 -19.40 1.98
CA CYS B 147 26.73 -19.28 2.55
C CYS B 147 27.61 -18.69 1.52
N CYS B 148 28.68 -18.04 1.99
CA CYS B 148 29.64 -17.52 1.06
C CYS B 148 30.97 -17.30 1.74
N ARG B 149 32.06 -17.61 1.05
CA ARG B 149 33.41 -17.44 1.60
C ARG B 149 34.34 -16.94 0.51
N PHE B 150 35.02 -15.83 0.75
CA PHE B 150 36.00 -15.31 -0.19
C PHE B 150 37.25 -16.21 -0.20
N LEU B 151 37.83 -16.45 -1.38
CA LEU B 151 39.19 -17.04 -1.48
C LEU B 151 40.29 -16.00 -1.35
N ASP B 152 40.03 -14.84 -1.95
CA ASP B 152 40.86 -13.65 -1.88
C ASP B 152 39.93 -12.51 -2.36
N ASP B 153 40.42 -11.28 -2.53
CA ASP B 153 39.54 -10.14 -2.86
C ASP B 153 39.05 -10.07 -4.30
N ASN B 154 39.24 -11.10 -5.09
CA ASN B 154 38.68 -11.11 -6.41
C ASN B 154 38.02 -12.43 -6.73
N GLN B 155 38.04 -13.40 -5.81
CA GLN B 155 37.23 -14.59 -5.98
C GLN B 155 36.51 -15.04 -4.70
N ILE B 156 35.28 -15.52 -4.89
CA ILE B 156 34.42 -15.92 -3.79
C ILE B 156 33.60 -17.16 -4.19
N VAL B 157 33.34 -18.03 -3.23
CA VAL B 157 32.53 -19.19 -3.40
C VAL B 157 31.26 -19.01 -2.59
N THR B 158 30.16 -19.48 -3.16
CA THR B 158 28.82 -19.35 -2.60
C THR B 158 28.15 -20.72 -2.61
N SER B 159 27.17 -20.92 -1.75
CA SER B 159 26.33 -22.09 -1.79
C SER B 159 24.88 -21.61 -1.82
N SER B 160 23.98 -22.40 -2.38
CA SER B 160 22.63 -21.95 -2.53
C SER B 160 21.54 -22.98 -2.27
N GLY B 161 20.33 -22.48 -2.11
CA GLY B 161 19.15 -23.36 -2.05
C GLY B 161 18.75 -23.92 -3.40
N ASP B 162 19.35 -23.39 -4.47
CA ASP B 162 19.24 -24.00 -5.80
C ASP B 162 20.06 -25.27 -5.91
N THR B 163 20.57 -25.72 -4.77
CA THR B 163 21.30 -26.99 -4.65
C THR B 163 22.72 -26.97 -5.21
N THR B 164 23.17 -25.88 -5.78
CA THR B 164 24.53 -25.75 -6.27
C THR B 164 25.33 -24.85 -5.40
N CYS B 165 26.62 -24.85 -5.67
CA CYS B 165 27.55 -23.89 -5.11
C CYS B 165 28.15 -23.35 -6.36
N ALA B 166 28.94 -22.29 -6.24
CA ALA B 166 29.53 -21.66 -7.38
C ALA B 166 30.78 -20.89 -6.99
N LEU B 167 31.66 -20.66 -7.97
CA LEU B 167 32.85 -19.81 -7.81
C LEU B 167 32.71 -18.55 -8.63
N TRP B 168 33.01 -17.38 -8.05
CA TRP B 168 32.82 -16.13 -8.78
C TRP B 168 34.09 -15.32 -8.94
N ASP B 169 34.21 -14.67 -10.10
CA ASP B 169 35.19 -13.64 -10.32
C ASP B 169 34.55 -12.26 -10.04
N ILE B 170 35.08 -11.56 -9.07
CA ILE B 170 34.39 -10.43 -8.56
C ILE B 170 34.42 -9.28 -9.54
N GLU B 171 35.61 -8.95 -10.04
CA GLU B 171 35.81 -7.81 -10.93
C GLU B 171 34.80 -7.83 -12.07
N THR B 172 34.51 -9.01 -12.61
CA THR B 172 33.60 -9.12 -13.73
C THR B 172 32.17 -9.43 -13.31
N GLY B 173 31.99 -10.02 -12.12
CA GLY B 173 30.69 -10.56 -11.71
C GLY B 173 30.33 -11.92 -12.28
N GLN B 174 31.26 -12.62 -12.94
CA GLN B 174 30.87 -13.86 -13.58
C GLN B 174 30.91 -15.03 -12.60
N GLN B 175 30.04 -15.98 -12.89
CA GLN B 175 29.95 -17.23 -12.18
C GLN B 175 30.92 -18.15 -12.90
N THR B 176 32.19 -18.11 -12.53
CA THR B 176 33.19 -18.83 -13.31
C THR B 176 33.07 -20.36 -13.27
N THR B 177 32.63 -20.92 -12.14
CA THR B 177 32.47 -22.36 -12.01
C THR B 177 31.19 -22.70 -11.24
N THR B 178 30.55 -23.78 -11.61
CA THR B 178 29.35 -24.22 -10.96
C THR B 178 29.60 -25.60 -10.44
N PHE B 179 29.25 -25.79 -9.18
CA PHE B 179 29.46 -27.02 -8.47
C PHE B 179 28.09 -27.63 -8.27
N THR B 180 27.78 -28.64 -9.09
CA THR B 180 26.51 -29.30 -9.05
C THR B 180 26.70 -30.71 -8.55
N GLY B 181 25.64 -31.34 -8.10
CA GLY B 181 25.71 -32.68 -7.57
C GLY B 181 24.80 -32.92 -6.38
N HIS B 182 24.72 -31.94 -5.49
CA HIS B 182 23.75 -32.01 -4.39
C HIS B 182 22.33 -32.08 -4.95
N THR B 183 21.43 -32.66 -4.17
CA THR B 183 20.03 -32.80 -4.56
C THR B 183 19.09 -32.14 -3.58
N GLY B 184 19.65 -31.38 -2.65
CA GLY B 184 18.89 -30.62 -1.68
C GLY B 184 19.58 -29.28 -1.54
N ASP B 185 18.82 -28.34 -1.01
CA ASP B 185 19.33 -27.03 -0.70
C ASP B 185 20.72 -27.23 -0.07
N VAL B 186 21.72 -26.53 -0.58
CA VAL B 186 22.99 -26.41 0.09
C VAL B 186 22.91 -25.32 1.13
N MET B 187 23.43 -25.65 2.31
CA MET B 187 23.26 -24.82 3.48
C MET B 187 24.53 -24.20 3.92
N SER B 188 25.67 -24.85 3.63
CA SER B 188 26.87 -24.42 4.26
C SER B 188 28.11 -24.83 3.46
N LEU B 189 29.18 -24.08 3.64
CA LEU B 189 30.39 -24.49 3.03
C LEU B 189 31.56 -24.13 3.88
N SER B 190 32.72 -24.67 3.53
CA SER B 190 33.89 -24.41 4.33
C SER B 190 35.09 -24.65 3.44
N LEU B 191 35.93 -23.63 3.37
CA LEU B 191 37.14 -23.70 2.59
C LEU B 191 38.19 -24.42 3.35
N ALA B 192 39.00 -25.15 2.62
CA ALA B 192 40.17 -25.78 3.20
C ALA B 192 41.19 -24.68 3.47
N PRO B 193 42.13 -24.96 4.35
CA PRO B 193 43.17 -23.97 4.60
C PRO B 193 43.96 -23.56 3.33
N ASP B 194 44.39 -24.54 2.53
CA ASP B 194 45.03 -24.27 1.22
C ASP B 194 44.10 -23.58 0.21
N THR B 195 42.80 -23.59 0.47
CA THR B 195 41.75 -23.06 -0.44
C THR B 195 41.68 -23.72 -1.80
N ARG B 196 42.26 -24.90 -1.95
CA ARG B 196 42.20 -25.54 -3.24
C ARG B 196 41.07 -26.55 -3.23
N LEU B 197 40.49 -26.76 -2.06
CA LEU B 197 39.30 -27.59 -1.91
C LEU B 197 38.31 -26.93 -0.97
N PHE B 198 37.05 -27.33 -1.03
CA PHE B 198 36.08 -26.90 -0.02
C PHE B 198 35.01 -27.98 0.12
N VAL B 199 34.29 -27.94 1.24
CA VAL B 199 33.22 -28.89 1.46
C VAL B 199 31.92 -28.16 1.67
N SER B 200 30.83 -28.87 1.43
CA SER B 200 29.50 -28.27 1.43
C SER B 200 28.59 -29.23 2.08
N GLY B 201 27.62 -28.76 2.82
CA GLY B 201 26.63 -29.66 3.47
C GLY B 201 25.23 -29.24 3.10
N ALA B 202 24.35 -30.19 2.83
CA ALA B 202 23.07 -29.88 2.22
C ALA B 202 21.90 -30.60 2.84
N CYS B 203 20.71 -30.21 2.38
CA CYS B 203 19.51 -30.76 2.89
C CYS B 203 19.31 -32.21 2.43
N ASP B 204 20.16 -32.67 1.52
CA ASP B 204 20.14 -34.07 1.12
C ASP B 204 20.80 -34.99 2.17
N ALA B 205 21.31 -34.40 3.26
CA ALA B 205 21.87 -35.15 4.36
C ALA B 205 23.27 -35.61 4.06
N SER B 206 23.84 -35.11 2.96
CA SER B 206 25.16 -35.48 2.51
C SER B 206 26.06 -34.28 2.45
N ALA B 207 27.36 -34.55 2.62
CA ALA B 207 28.38 -33.52 2.48
C ALA B 207 29.25 -33.88 1.27
N LYS B 208 29.72 -32.87 0.56
CA LYS B 208 30.55 -33.10 -0.62
C LYS B 208 31.80 -32.26 -0.58
N LEU B 209 32.92 -32.89 -0.99
CA LEU B 209 34.21 -32.25 -1.10
C LEU B 209 34.40 -31.87 -2.56
N TRP B 210 34.80 -30.61 -2.78
CA TRP B 210 34.97 -30.05 -4.10
C TRP B 210 36.40 -29.54 -4.29
N ASP B 211 36.90 -29.62 -5.52
CA ASP B 211 38.15 -29.04 -5.89
C ASP B 211 37.79 -27.73 -6.59
N VAL B 212 38.33 -26.65 -6.07
CA VAL B 212 37.96 -25.32 -6.52
C VAL B 212 38.42 -25.08 -7.94
N ARG B 213 39.66 -25.41 -8.23
CA ARG B 213 40.28 -25.10 -9.52
C ARG B 213 39.76 -25.96 -10.66
N GLU B 214 39.15 -27.09 -10.35
CA GLU B 214 38.68 -28.00 -11.38
C GLU B 214 37.18 -28.20 -11.38
N GLY B 215 36.49 -27.79 -10.33
CA GLY B 215 35.06 -27.58 -10.45
C GLY B 215 34.29 -28.86 -10.29
N MET B 216 34.92 -29.91 -9.76
CA MET B 216 34.20 -31.18 -9.57
C MET B 216 34.10 -31.58 -8.11
N CYS B 217 33.20 -32.49 -7.85
CA CYS B 217 33.11 -33.13 -6.55
C CYS B 217 34.02 -34.38 -6.50
N ARG B 218 34.85 -34.49 -5.45
CA ARG B 218 35.72 -35.61 -5.30
C ARG B 218 35.14 -36.68 -4.43
N GLN B 219 34.38 -36.30 -3.42
CA GLN B 219 33.91 -37.29 -2.46
C GLN B 219 32.60 -36.85 -1.86
N THR B 220 31.82 -37.83 -1.44
CA THR B 220 30.51 -37.62 -0.90
C THR B 220 30.30 -38.41 0.38
N PHE B 221 30.07 -37.70 1.47
CA PHE B 221 29.92 -38.32 2.75
C PHE B 221 28.47 -38.28 3.12
N THR B 222 28.01 -39.44 3.56
CA THR B 222 26.66 -39.67 4.02
C THR B 222 26.68 -40.19 5.46
N GLY B 223 25.51 -40.35 6.06
CA GLY B 223 25.36 -40.93 7.40
C GLY B 223 24.47 -40.13 8.35
N HIS B 224 24.41 -38.82 8.15
CA HIS B 224 23.42 -38.03 8.86
C HIS B 224 22.02 -38.48 8.44
N GLU B 225 21.06 -38.33 9.33
CA GLU B 225 19.74 -38.83 9.04
C GLU B 225 18.85 -37.68 8.51
N SER B 226 19.41 -36.48 8.48
CA SER B 226 18.68 -35.30 8.16
C SER B 226 19.60 -34.16 7.62
N ASP B 227 19.02 -32.98 7.41
CA ASP B 227 19.73 -31.87 6.78
C ASP B 227 21.08 -31.59 7.41
N ILE B 228 22.08 -31.28 6.62
CA ILE B 228 23.30 -30.77 7.16
C ILE B 228 23.15 -29.26 7.12
N ASN B 229 23.15 -28.66 8.28
CA ASN B 229 23.09 -27.21 8.39
C ASN B 229 24.45 -26.57 8.48
N ALA B 230 25.48 -27.31 8.86
CA ALA B 230 26.75 -26.64 9.04
C ALA B 230 27.88 -27.53 8.72
N ILE B 231 29.00 -26.92 8.36
CA ILE B 231 30.13 -27.70 8.07
C ILE B 231 31.41 -26.91 8.30
N CYS B 232 32.45 -27.59 8.76
N CYS B 232 32.46 -27.57 8.78
CA CYS B 232 33.75 -26.93 9.01
CA CYS B 232 33.75 -26.91 8.93
C CYS B 232 34.95 -27.87 8.77
C CYS B 232 34.95 -27.85 8.77
N PHE B 233 35.97 -27.35 8.10
CA PHE B 233 37.22 -28.07 7.96
C PHE B 233 37.92 -28.17 9.29
N PHE B 234 38.44 -29.35 9.56
CA PHE B 234 39.42 -29.53 10.59
C PHE B 234 40.66 -28.76 10.12
N PRO B 235 41.46 -28.20 11.02
CA PRO B 235 42.49 -27.26 10.65
C PRO B 235 43.61 -27.75 9.75
N ASN B 236 43.71 -29.05 9.47
CA ASN B 236 44.81 -29.49 8.64
C ASN B 236 44.35 -29.92 7.27
N GLY B 237 43.08 -29.65 7.00
CA GLY B 237 42.51 -29.86 5.69
C GLY B 237 42.21 -31.30 5.30
N ASN B 238 42.19 -32.22 6.26
CA ASN B 238 42.02 -33.66 5.96
C ASN B 238 40.80 -34.30 6.55
N ALA B 239 39.99 -33.49 7.20
CA ALA B 239 38.78 -33.97 7.76
C ALA B 239 37.96 -32.76 7.88
N PHE B 240 36.66 -32.96 8.06
CA PHE B 240 35.79 -31.86 8.36
C PHE B 240 34.71 -32.34 9.26
N ALA B 241 33.97 -31.43 9.83
CA ALA B 241 32.80 -31.86 10.53
C ALA B 241 31.55 -31.16 10.03
N THR B 242 30.44 -31.78 10.36
CA THR B 242 29.13 -31.33 9.99
C THR B 242 28.29 -31.25 11.21
N GLY B 243 27.25 -30.41 11.19
CA GLY B 243 26.17 -30.47 12.17
C GLY B 243 24.80 -30.49 11.49
N SER B 244 23.94 -31.38 11.95
CA SER B 244 22.72 -31.71 11.29
C SER B 244 21.47 -31.57 12.15
N ASP B 245 20.32 -31.53 11.49
CA ASP B 245 19.05 -31.50 12.17
C ASP B 245 18.85 -32.76 12.94
N ASP B 246 19.52 -33.85 12.55
CA ASP B 246 19.43 -35.12 13.35
C ASP B 246 20.07 -35.04 14.70
N ALA B 247 20.60 -33.88 15.07
CA ALA B 247 21.09 -33.68 16.45
C ALA B 247 22.49 -34.28 16.72
N THR B 248 23.25 -34.55 15.67
CA THR B 248 24.57 -35.08 15.84
C THR B 248 25.47 -34.21 15.06
N CYS B 249 26.70 -34.04 15.53
CA CYS B 249 27.82 -33.67 14.67
C CYS B 249 28.56 -34.94 14.27
N ARG B 250 29.38 -34.82 13.26
CA ARG B 250 30.09 -35.96 12.74
C ARG B 250 31.37 -35.53 12.16
N LEU B 251 32.39 -36.35 12.32
CA LEU B 251 33.69 -36.05 11.77
C LEU B 251 33.90 -37.03 10.69
N PHE B 252 34.31 -36.52 9.54
CA PHE B 252 34.56 -37.35 8.41
C PHE B 252 36.00 -37.13 7.99
N ASP B 253 36.68 -38.21 7.58
CA ASP B 253 38.06 -38.08 7.16
C ASP B 253 38.12 -38.14 5.66
N LEU B 254 38.87 -37.24 5.06
CA LEU B 254 39.04 -37.26 3.61
C LEU B 254 39.78 -38.50 3.15
N ARG B 255 41.00 -38.66 3.64
CA ARG B 255 41.83 -39.75 3.11
C ARG B 255 41.30 -41.15 3.40
N ALA B 256 40.48 -41.31 4.45
CA ALA B 256 39.84 -42.63 4.74
C ALA B 256 38.48 -42.69 4.14
N ASP B 257 38.04 -41.52 3.66
CA ASP B 257 36.80 -41.37 2.97
C ASP B 257 35.59 -41.84 3.74
N GLN B 258 35.40 -41.40 4.97
CA GLN B 258 34.27 -41.89 5.75
C GLN B 258 34.16 -41.29 7.13
N GLU B 259 33.03 -41.58 7.75
CA GLU B 259 32.77 -41.10 9.11
C GLU B 259 33.79 -41.69 10.10
N LEU B 260 34.41 -40.86 10.92
CA LEU B 260 35.19 -41.35 12.05
C LEU B 260 34.44 -41.29 13.37
N MET B 261 33.60 -40.29 13.57
CA MET B 261 32.98 -40.10 14.86
C MET B 261 31.64 -39.31 14.81
N THR B 262 30.73 -39.71 15.66
CA THR B 262 29.52 -39.02 15.89
C THR B 262 29.64 -38.33 17.24
N TYR B 263 29.14 -37.10 17.32
CA TYR B 263 29.06 -36.41 18.58
C TYR B 263 27.62 -36.14 18.95
N SER B 264 27.08 -36.91 19.86
CA SER B 264 25.68 -36.93 20.14
C SER B 264 25.47 -37.37 21.56
N HIS B 265 24.22 -37.32 22.00
CA HIS B 265 23.83 -37.80 23.31
C HIS B 265 22.30 -37.89 23.40
N ASP B 266 21.80 -38.98 23.98
CA ASP B 266 20.34 -39.22 24.12
C ASP B 266 19.50 -37.97 24.56
N ASN B 267 20.12 -37.17 25.43
CA ASN B 267 19.61 -35.88 25.90
C ASN B 267 19.50 -34.76 24.88
N ILE B 268 20.55 -34.58 24.08
CA ILE B 268 20.56 -33.55 23.05
C ILE B 268 19.64 -34.05 21.94
N ILE B 269 18.50 -33.40 21.80
CA ILE B 269 17.49 -33.83 20.83
C ILE B 269 17.33 -32.88 19.65
N CYS B 270 17.91 -31.69 19.74
N CYS B 270 17.96 -31.70 19.75
CA CYS B 270 17.68 -30.65 18.73
CA CYS B 270 17.76 -30.58 18.81
C CYS B 270 18.80 -30.57 17.70
C CYS B 270 18.86 -30.49 17.72
N GLY B 271 18.53 -29.82 16.63
CA GLY B 271 19.45 -29.70 15.54
C GLY B 271 20.56 -28.72 15.76
N ILE B 272 21.67 -28.98 15.07
CA ILE B 272 22.87 -28.15 15.12
C ILE B 272 22.79 -27.09 14.01
N THR B 273 23.18 -25.87 14.28
CA THR B 273 23.09 -24.83 13.27
C THR B 273 24.47 -24.45 12.76
N SER B 274 25.51 -24.90 13.43
CA SER B 274 26.80 -24.30 13.22
C SER B 274 27.87 -25.11 13.95
N VAL B 275 29.04 -25.16 13.33
CA VAL B 275 30.21 -25.85 13.86
C VAL B 275 31.50 -25.08 13.55
N SER B 276 32.49 -25.29 14.41
CA SER B 276 33.83 -24.72 14.19
C SER B 276 34.85 -25.53 14.96
N PHE B 277 36.10 -25.42 14.59
CA PHE B 277 37.10 -26.12 15.40
C PHE B 277 37.88 -25.09 16.15
N SER B 278 38.34 -25.46 17.34
CA SER B 278 39.43 -24.74 17.96
C SER B 278 40.63 -24.78 17.02
N LYS B 279 41.64 -23.99 17.33
CA LYS B 279 42.80 -23.84 16.44
C LYS B 279 43.49 -25.15 16.20
N SER B 280 43.51 -26.03 17.20
CA SER B 280 44.34 -27.24 17.12
C SER B 280 43.55 -28.37 16.61
N GLY B 281 42.26 -28.11 16.42
CA GLY B 281 41.36 -29.15 16.00
C GLY B 281 40.88 -29.95 17.18
N ARG B 282 41.49 -29.78 18.35
CA ARG B 282 41.18 -30.69 19.43
C ARG B 282 39.71 -30.56 19.81
N LEU B 283 39.20 -29.33 19.81
CA LEU B 283 37.83 -29.06 20.19
C LEU B 283 36.94 -28.80 18.97
N LEU B 284 35.81 -29.48 18.94
CA LEU B 284 34.71 -29.18 18.02
C LEU B 284 33.55 -28.42 18.72
N LEU B 285 33.19 -27.26 18.19
CA LEU B 285 32.19 -26.41 18.80
C LEU B 285 30.99 -26.42 17.91
N ALA B 286 29.83 -26.56 18.52
CA ALA B 286 28.61 -26.72 17.79
C ALA B 286 27.46 -25.93 18.43
N GLY B 287 26.82 -25.07 17.67
CA GLY B 287 25.62 -24.39 18.11
C GLY B 287 24.41 -25.23 17.83
N TYR B 288 23.43 -25.07 18.68
CA TYR B 288 22.31 -25.99 18.76
C TYR B 288 21.03 -25.16 18.86
N ASP B 289 19.91 -25.70 18.34
CA ASP B 289 18.66 -24.99 18.42
C ASP B 289 18.08 -24.98 19.85
N ASP B 290 18.81 -25.51 20.85
CA ASP B 290 18.33 -25.44 22.24
C ASP B 290 18.95 -24.30 22.97
N PHE B 291 19.61 -23.41 22.23
CA PHE B 291 20.18 -22.16 22.74
C PHE B 291 21.64 -22.30 23.24
N ASN B 292 22.22 -23.47 23.14
CA ASN B 292 23.60 -23.65 23.62
C ASN B 292 24.60 -23.88 22.54
N CYS B 293 25.87 -23.67 22.87
CA CYS B 293 26.91 -24.17 22.03
C CYS B 293 27.58 -25.19 22.85
N ASN B 294 27.50 -26.45 22.44
CA ASN B 294 28.35 -27.46 23.04
C ASN B 294 29.81 -27.44 22.53
N VAL B 295 30.74 -27.65 23.45
CA VAL B 295 32.11 -27.88 23.06
C VAL B 295 32.32 -29.35 23.20
N TRP B 296 32.71 -29.98 22.10
CA TRP B 296 33.05 -31.40 22.09
C TRP B 296 34.54 -31.60 22.02
N ASP B 297 34.99 -32.76 22.51
CA ASP B 297 36.38 -33.20 22.36
C ASP B 297 36.38 -33.93 21.07
N ALA B 298 37.12 -33.40 20.11
CA ALA B 298 37.03 -33.90 18.77
C ALA B 298 37.59 -35.32 18.66
N LEU B 299 38.66 -35.62 19.40
CA LEU B 299 39.30 -36.90 19.26
C LEU B 299 38.61 -37.95 20.12
N LYS B 300 37.94 -37.54 21.19
CA LYS B 300 37.43 -38.57 22.12
C LYS B 300 35.91 -38.75 22.07
N ALA B 301 35.20 -37.64 21.80
CA ALA B 301 33.76 -37.59 21.48
C ALA B 301 32.92 -37.27 22.67
N ASP B 302 33.52 -36.65 23.68
CA ASP B 302 32.87 -36.42 24.95
C ASP B 302 32.44 -34.97 24.97
N ARG B 303 31.24 -34.69 25.49
CA ARG B 303 30.89 -33.32 25.75
C ARG B 303 31.90 -32.79 26.73
N ALA B 304 32.60 -31.72 26.39
CA ALA B 304 33.60 -31.11 27.29
C ALA B 304 33.21 -29.73 27.84
N GLY B 305 32.19 -29.11 27.29
CA GLY B 305 31.87 -27.76 27.64
C GLY B 305 30.52 -27.34 27.09
N VAL B 306 30.09 -26.18 27.52
CA VAL B 306 28.81 -25.64 27.13
C VAL B 306 28.94 -24.14 27.20
N LEU B 307 28.40 -23.45 26.22
CA LEU B 307 28.31 -22.02 26.28
C LEU B 307 26.84 -21.75 26.39
N ALA B 308 26.42 -21.11 27.50
CA ALA B 308 25.00 -20.95 27.79
C ALA B 308 24.69 -19.55 28.28
N GLY B 309 24.46 -18.69 27.30
CA GLY B 309 23.97 -17.36 27.54
C GLY B 309 23.29 -16.86 26.28
N HIS B 310 22.31 -17.61 25.80
CA HIS B 310 21.46 -17.11 24.71
C HIS B 310 20.06 -17.54 25.02
N ASP B 311 19.09 -16.66 24.73
CA ASP B 311 17.70 -16.91 25.05
C ASP B 311 16.95 -17.49 23.86
N ASN B 312 17.62 -17.58 22.72
CA ASN B 312 17.02 -18.28 21.61
C ASN B 312 18.13 -19.06 20.92
N ARG B 313 17.81 -19.64 19.77
CA ARG B 313 18.68 -20.51 19.08
C ARG B 313 20.06 -19.88 18.85
N VAL B 314 21.10 -20.70 19.00
CA VAL B 314 22.42 -20.29 18.59
C VAL B 314 22.49 -20.68 17.16
N SER B 315 22.69 -19.68 16.33
CA SER B 315 22.47 -19.84 14.93
C SER B 315 23.78 -19.81 14.19
N CYS B 316 24.83 -19.33 14.80
CA CYS B 316 26.09 -19.29 14.16
C CYS B 316 27.19 -19.18 15.18
N LEU B 317 28.34 -19.74 14.84
CA LEU B 317 29.53 -19.49 15.61
C LEU B 317 30.77 -19.43 14.77
N GLY B 318 31.88 -19.19 15.44
CA GLY B 318 33.15 -18.99 14.78
C GLY B 318 34.28 -18.81 15.79
N VAL B 319 35.44 -19.30 15.41
CA VAL B 319 36.64 -19.17 16.21
C VAL B 319 37.63 -18.31 15.45
N THR B 320 38.40 -17.49 16.14
CA THR B 320 39.41 -16.65 15.50
C THR B 320 40.61 -17.44 15.03
N ASP B 321 41.27 -16.92 13.99
CA ASP B 321 42.45 -17.55 13.43
C ASP B 321 43.57 -17.59 14.41
N ASP B 322 43.64 -16.60 15.30
CA ASP B 322 44.61 -16.63 16.41
C ASP B 322 44.15 -17.53 17.56
N GLY B 323 42.92 -18.06 17.48
CA GLY B 323 42.46 -19.12 18.38
C GLY B 323 42.04 -18.62 19.74
N MET B 324 42.23 -17.32 19.96
CA MET B 324 41.85 -16.64 21.22
C MET B 324 40.38 -16.70 21.61
N ALA B 325 39.48 -16.92 20.66
CA ALA B 325 38.08 -16.69 20.99
C ALA B 325 37.04 -17.38 20.12
N VAL B 326 35.85 -17.46 20.68
CA VAL B 326 34.68 -18.02 20.05
C VAL B 326 33.58 -16.96 19.98
N ALA B 327 33.00 -16.74 18.82
CA ALA B 327 31.78 -15.90 18.78
C ALA B 327 30.59 -16.83 18.60
N THR B 328 29.54 -16.59 19.37
CA THR B 328 28.23 -17.17 19.08
C THR B 328 27.24 -16.09 18.65
N GLY B 329 26.35 -16.40 17.72
CA GLY B 329 25.33 -15.45 17.27
C GLY B 329 23.99 -16.14 17.44
N SER B 330 22.97 -15.39 17.77
CA SER B 330 21.74 -16.02 18.17
C SER B 330 20.54 -15.35 17.60
N TRP B 331 19.46 -16.14 17.59
CA TRP B 331 18.16 -15.65 17.24
C TRP B 331 17.67 -14.63 18.26
N ASP B 332 18.40 -14.41 19.34
CA ASP B 332 18.03 -13.39 20.33
C ASP B 332 18.63 -12.02 20.04
N SER B 333 19.31 -11.87 18.90
CA SER B 333 19.81 -10.57 18.43
C SER B 333 21.23 -10.23 18.90
N PHE B 334 21.78 -11.07 19.76
CA PHE B 334 23.09 -10.81 20.30
C PHE B 334 24.13 -11.77 19.77
N LEU B 335 25.32 -11.23 19.57
CA LEU B 335 26.53 -12.02 19.52
C LEU B 335 27.22 -11.97 20.85
N LYS B 336 27.84 -13.08 21.23
CA LYS B 336 28.65 -13.12 22.43
C LYS B 336 30.02 -13.65 22.08
N ILE B 337 31.03 -13.06 22.69
CA ILE B 337 32.38 -13.57 22.55
C ILE B 337 32.81 -14.35 23.77
N TRP B 338 33.38 -15.53 23.56
CA TRP B 338 33.70 -16.40 24.67
C TRP B 338 35.14 -16.83 24.61
N ASN B 339 35.70 -17.05 25.79
CA ASN B 339 36.86 -17.93 26.02
C ASN B 339 37.00 -18.17 27.52
N ASN C 5 13.96 -36.15 -16.03
CA ASN C 5 15.00 -35.82 -14.96
C ASN C 5 15.60 -37.05 -14.23
N THR C 6 14.79 -37.85 -13.55
CA THR C 6 15.24 -39.20 -13.16
C THR C 6 15.05 -40.12 -14.36
N ALA C 7 14.17 -39.71 -15.28
CA ALA C 7 13.95 -40.39 -16.58
C ALA C 7 14.98 -39.99 -17.68
N SER C 8 15.89 -39.06 -17.33
CA SER C 8 16.99 -38.59 -18.17
C SER C 8 18.18 -39.59 -18.27
N ILE C 9 18.55 -39.94 -19.50
CA ILE C 9 19.71 -40.82 -19.73
C ILE C 9 21.05 -40.12 -19.46
N ALA C 10 21.12 -38.83 -19.76
CA ALA C 10 22.31 -38.06 -19.52
C ALA C 10 22.61 -37.91 -18.02
N GLN C 11 21.58 -37.80 -17.20
CA GLN C 11 21.76 -37.56 -15.79
C GLN C 11 22.28 -38.81 -15.10
N ALA C 12 21.75 -39.94 -15.53
CA ALA C 12 22.13 -41.24 -15.01
C ALA C 12 23.61 -41.59 -15.32
N ARG C 13 24.05 -41.33 -16.55
CA ARG C 13 25.47 -41.35 -16.92
C ARG C 13 26.31 -40.40 -16.12
N LYS C 14 25.83 -39.20 -15.88
CA LYS C 14 26.59 -38.25 -15.12
C LYS C 14 26.81 -38.81 -13.69
N LEU C 15 25.78 -39.51 -13.16
CA LEU C 15 25.81 -40.04 -11.81
C LEU C 15 26.81 -41.15 -11.75
N VAL C 16 26.73 -42.07 -12.70
CA VAL C 16 27.68 -43.17 -12.79
C VAL C 16 29.13 -42.72 -12.94
N GLU C 17 29.37 -41.71 -13.77
CA GLU C 17 30.75 -41.24 -13.98
C GLU C 17 31.28 -40.67 -12.68
N GLN C 18 30.40 -40.00 -11.96
CA GLN C 18 30.73 -39.36 -10.70
C GLN C 18 31.06 -40.41 -9.63
N LEU C 19 30.25 -41.46 -9.56
CA LEU C 19 30.49 -42.51 -8.62
C LEU C 19 31.78 -43.24 -9.00
N LYS C 20 32.12 -43.27 -10.29
CA LYS C 20 33.37 -43.86 -10.72
C LYS C 20 34.52 -43.04 -10.22
N MET C 21 34.50 -41.72 -10.46
CA MET C 21 35.49 -40.83 -9.86
C MET C 21 35.61 -41.10 -8.35
N GLU C 22 34.48 -41.22 -7.65
CA GLU C 22 34.48 -41.29 -6.17
C GLU C 22 34.95 -42.63 -5.68
N ALA C 23 34.60 -43.68 -6.40
CA ALA C 23 35.05 -45.01 -6.05
C ALA C 23 36.56 -45.21 -6.25
N ASN C 24 37.16 -44.50 -7.20
CA ASN C 24 38.53 -44.82 -7.58
C ASN C 24 39.48 -43.79 -7.07
N ILE C 25 39.49 -43.65 -5.75
CA ILE C 25 40.44 -42.80 -5.07
C ILE C 25 41.29 -43.71 -4.21
N ASP C 26 42.38 -43.16 -3.68
CA ASP C 26 43.22 -43.96 -2.80
C ASP C 26 42.73 -43.65 -1.45
N ARG C 27 42.48 -44.71 -0.71
CA ARG C 27 42.01 -44.56 0.63
C ARG C 27 43.07 -45.12 1.55
N ILE C 28 43.21 -44.52 2.72
CA ILE C 28 44.06 -45.03 3.77
C ILE C 28 43.25 -45.61 4.91
N LYS C 29 43.94 -46.35 5.78
CA LYS C 29 43.31 -47.03 6.90
C LYS C 29 42.78 -46.02 7.89
N VAL C 30 41.68 -46.31 8.58
CA VAL C 30 41.18 -45.37 9.57
C VAL C 30 42.20 -45.22 10.71
N SER C 31 42.87 -46.31 11.04
CA SER C 31 43.95 -46.24 11.98
C SER C 31 44.91 -45.16 11.56
N LYS C 32 45.25 -45.06 10.28
CA LYS C 32 46.27 -44.08 9.92
C LYS C 32 45.72 -42.66 9.98
N ALA C 33 44.51 -42.51 9.46
CA ALA C 33 43.84 -41.19 9.44
C ALA C 33 43.67 -40.69 10.84
N ALA C 34 43.17 -41.59 11.70
CA ALA C 34 42.95 -41.24 13.05
C ALA C 34 44.24 -40.92 13.75
N ALA C 35 45.30 -41.68 13.52
CA ALA C 35 46.59 -41.32 14.14
C ALA C 35 47.01 -39.93 13.67
N ASP C 36 46.85 -39.65 12.38
CA ASP C 36 47.33 -38.38 11.86
C ASP C 36 46.53 -37.25 12.46
N LEU C 37 45.24 -37.45 12.69
CA LEU C 37 44.45 -36.46 13.41
C LEU C 37 44.96 -36.29 14.84
N MET C 38 45.23 -37.40 15.53
CA MET C 38 45.76 -37.36 16.90
C MET C 38 47.07 -36.59 16.93
N ALA C 39 47.95 -36.85 15.98
CA ALA C 39 49.27 -36.19 15.98
C ALA C 39 49.11 -34.72 15.73
N TYR C 40 48.25 -34.37 14.80
CA TYR C 40 47.99 -32.98 14.60
C TYR C 40 47.66 -32.32 15.91
N CYS C 41 46.72 -32.90 16.65
CA CYS C 41 46.15 -32.22 17.77
C CYS C 41 47.21 -32.00 18.80
N GLU C 42 48.04 -33.02 19.00
CA GLU C 42 49.13 -32.94 19.98
C GLU C 42 50.25 -31.99 19.53
N ALA C 43 50.55 -31.96 18.25
CA ALA C 43 51.53 -31.01 17.76
C ALA C 43 51.13 -29.56 17.93
N HIS C 44 49.84 -29.24 18.02
CA HIS C 44 49.42 -27.81 18.05
C HIS C 44 48.60 -27.45 19.26
N ALA C 45 48.47 -28.40 20.17
CA ALA C 45 47.80 -28.17 21.43
C ALA C 45 48.41 -26.98 22.19
N LYS C 46 49.70 -26.73 21.95
CA LYS C 46 50.40 -25.56 22.47
C LYS C 46 49.84 -24.26 21.92
N GLU C 47 49.54 -24.22 20.64
CA GLU C 47 49.11 -23.00 20.00
C GLU C 47 47.62 -22.67 20.21
N ASP C 48 46.93 -23.36 21.12
CA ASP C 48 45.48 -23.35 21.15
C ASP C 48 44.89 -22.82 22.46
N PRO C 49 44.55 -21.52 22.50
CA PRO C 49 44.10 -20.81 23.70
C PRO C 49 42.88 -21.38 24.38
N LEU C 50 42.09 -22.13 23.62
CA LEU C 50 40.90 -22.75 24.18
C LEU C 50 41.26 -24.08 24.81
N LEU C 51 42.53 -24.49 24.72
CA LEU C 51 42.87 -25.81 25.21
C LEU C 51 43.45 -25.76 26.64
N THR C 52 44.49 -24.96 26.88
CA THR C 52 44.80 -24.53 28.25
C THR C 52 44.26 -23.11 28.43
N PRO C 53 43.29 -22.94 29.35
CA PRO C 53 43.14 -21.56 29.74
C PRO C 53 44.51 -20.88 29.89
N VAL C 54 44.59 -19.64 29.43
CA VAL C 54 45.84 -18.88 29.28
C VAL C 54 45.68 -17.58 30.11
N PRO C 55 46.79 -16.97 30.57
CA PRO C 55 46.63 -15.83 31.48
C PRO C 55 46.04 -14.56 30.86
N ALA C 56 45.23 -13.85 31.65
CA ALA C 56 44.69 -12.54 31.27
C ALA C 56 45.69 -11.66 30.48
N SER C 57 46.90 -11.57 30.98
CA SER C 57 48.01 -10.88 30.29
C SER C 57 47.96 -11.06 28.74
N GLU C 58 48.06 -12.30 28.26
CA GLU C 58 48.21 -12.55 26.82
C GLU C 58 46.90 -12.44 26.00
N ASN C 59 45.76 -12.34 26.70
CA ASN C 59 44.42 -12.46 26.11
C ASN C 59 43.70 -11.10 26.01
N PRO C 60 43.37 -10.64 24.78
CA PRO C 60 42.77 -9.31 24.64
C PRO C 60 41.36 -9.12 25.21
N PHE C 61 40.65 -10.22 25.54
CA PHE C 61 39.24 -10.14 25.97
C PHE C 61 38.99 -10.11 27.50
N ARG C 62 40.03 -10.38 28.28
CA ARG C 62 39.98 -10.21 29.74
C ARG C 62 40.56 -8.85 30.10
N GLU C 63 39.97 -8.22 31.12
CA GLU C 63 40.63 -7.20 31.92
C GLU C 63 41.26 -6.11 31.04
N LYS C 64 40.42 -5.33 30.35
CA LYS C 64 40.95 -4.34 29.40
C LYS C 64 39.90 -3.34 28.91
#